data_7CAX
#
_entry.id   7CAX
#
_cell.length_a   61.929
_cell.length_b   90.018
_cell.length_c   97.776
_cell.angle_alpha   90.000
_cell.angle_beta   92.680
_cell.angle_gamma   90.000
#
_symmetry.space_group_name_H-M   'P 1 21 1'
#
loop_
_entity.id
_entity.type
_entity.pdbx_description
1 polymer '3-oxoacyl-ACP reductase FabG'
2 non-polymer 1,2-ETHANEDIOL
3 non-polymer 'NADPH DIHYDRO-NICOTINAMIDE-ADENINE-DINUCLEOTIDE PHOSPHATE'
4 water water
#
_entity_poly.entity_id   1
_entity_poly.type   'polypeptide(L)'
_entity_poly.pdbx_seq_one_letter_code
;MTRRILVTGSSRGIGKAIALQLAKAGFDVTVHARSRQAEAEQVVQEIQALGQNSHYLMFDVNERQTVQQILEQDVEQHGG
FYGVVLNAGLTHDGAFPALTDQDWDEVISTSLDGFYNVLKPLIMPMIHLRKGGRIVTLSSVSGIMGNRGQVNYSAAKAGL
IGATKALALELAKRKITVNCVAPGLIETEMVTDEVKEHALKMIPLQRMGQVDEVASVVKFLCSDEASYVTRQVISVNGGL
I
;
_entity_poly.pdbx_strand_id   A,B,C,D
#
# COMPACT_ATOMS: atom_id res chain seq x y z
N THR A 2 33.80 -0.14 18.57
CA THR A 2 32.41 0.22 18.81
C THR A 2 31.74 0.63 17.49
N ARG A 3 30.56 0.06 17.21
CA ARG A 3 29.87 0.37 15.96
C ARG A 3 29.51 1.84 15.90
N ARG A 4 29.74 2.45 14.74
CA ARG A 4 29.57 3.88 14.55
C ARG A 4 28.48 4.13 13.52
N ILE A 5 27.65 5.15 13.78
CA ILE A 5 26.56 5.52 12.88
C ILE A 5 26.70 6.99 12.49
N LEU A 6 26.55 7.27 11.19
CA LEU A 6 26.46 8.63 10.68
C LEU A 6 25.00 9.06 10.57
N VAL A 7 24.68 10.24 11.10
CA VAL A 7 23.34 10.83 10.99
C VAL A 7 23.48 12.15 10.26
N THR A 8 22.98 12.22 9.03
CA THR A 8 23.02 13.50 8.34
C THR A 8 21.99 14.44 8.95
N GLY A 9 22.27 15.75 8.87
CA GLY A 9 21.40 16.77 9.42
C GLY A 9 21.07 16.58 10.89
N SER A 10 22.08 16.29 11.70
CA SER A 10 21.89 15.99 13.12
C SER A 10 22.28 17.14 14.04
N SER A 11 22.36 18.36 13.50
CA SER A 11 22.69 19.50 14.36
C SER A 11 21.48 19.99 15.15
N ARG A 12 20.27 19.66 14.71
CA ARG A 12 19.07 20.09 15.40
C ARG A 12 17.91 19.25 14.90
N GLY A 13 16.73 19.47 15.48
CA GLY A 13 15.51 18.86 15.00
C GLY A 13 15.49 17.35 15.19
N ILE A 14 14.84 16.68 14.24
CA ILE A 14 14.72 15.23 14.30
C ILE A 14 16.10 14.57 14.25
N GLY A 15 16.98 15.08 13.39
CA GLY A 15 18.30 14.47 13.27
C GLY A 15 19.06 14.47 14.58
N LYS A 16 19.03 15.60 15.31
CA LYS A 16 19.68 15.66 16.61
C LYS A 16 19.09 14.64 17.58
N ALA A 17 17.75 14.55 17.63
CA ALA A 17 17.12 13.60 18.54
C ALA A 17 17.51 12.16 18.18
N ILE A 18 17.63 11.86 16.89
CA ILE A 18 18.11 10.54 16.46
C ILE A 18 19.52 10.30 16.99
N ALA A 19 20.40 11.28 16.80
CA ALA A 19 21.80 11.11 17.18
C ALA A 19 21.94 10.83 18.66
N LEU A 20 21.19 11.57 19.49
CA LEU A 20 21.23 11.39 20.94
C LEU A 20 20.66 10.05 21.37
N GLN A 21 19.55 9.62 20.75
CA GLN A 21 19.00 8.30 21.12
C GLN A 21 19.95 7.17 20.74
N LEU A 22 20.62 7.31 19.60
CA LEU A 22 21.57 6.28 19.18
C LEU A 22 22.77 6.26 20.12
N ALA A 23 23.26 7.43 20.52
CA ALA A 23 24.34 7.48 21.51
C ALA A 23 23.92 6.82 22.82
N LYS A 24 22.70 7.11 23.30
CA LYS A 24 22.22 6.47 24.52
C LYS A 24 22.08 4.96 24.34
N ALA A 25 21.85 4.51 23.12
CA ALA A 25 21.80 3.08 22.87
C ALA A 25 23.17 2.44 22.88
N GLY A 26 24.26 3.22 22.82
CA GLY A 26 25.61 2.70 22.88
C GLY A 26 26.40 2.79 21.60
N PHE A 27 25.83 3.34 20.53
CA PHE A 27 26.59 3.58 19.31
C PHE A 27 27.49 4.80 19.45
N ASP A 28 28.68 4.74 18.84
CA ASP A 28 29.38 5.97 18.52
C ASP A 28 28.63 6.66 17.39
N VAL A 29 28.56 8.00 17.44
CA VAL A 29 27.69 8.74 16.54
C VAL A 29 28.47 9.92 15.95
N THR A 30 28.55 9.96 14.63
CA THR A 30 29.15 11.09 13.92
C THR A 30 28.03 12.05 13.53
N VAL A 31 28.17 13.29 13.97
CA VAL A 31 27.21 14.35 13.68
C VAL A 31 27.50 14.96 12.32
N HIS A 32 26.47 15.53 11.71
CA HIS A 32 26.66 16.20 10.43
C HIS A 32 25.72 17.39 10.33
N ALA A 33 26.20 18.44 9.66
CA ALA A 33 25.40 19.61 9.36
C ALA A 33 25.90 20.21 8.06
N ARG A 34 25.08 21.06 7.45
CA ARG A 34 25.51 21.71 6.23
C ARG A 34 26.32 22.99 6.51
N SER A 35 25.83 23.84 7.40
CA SER A 35 26.52 25.10 7.67
C SER A 35 26.57 25.49 9.14
N ARG A 36 25.76 24.88 10.02
CA ARG A 36 25.68 25.31 11.41
C ARG A 36 26.70 24.53 12.24
N GLN A 37 27.94 25.01 12.19
CA GLN A 37 29.04 24.30 12.84
C GLN A 37 28.93 24.35 14.36
N ALA A 38 28.50 25.49 14.92
CA ALA A 38 28.42 25.59 16.37
C ALA A 38 27.33 24.69 16.93
N GLU A 39 26.20 24.57 16.24
CA GLU A 39 25.17 23.64 16.67
C GLU A 39 25.67 22.21 16.63
N ALA A 40 26.33 21.83 15.53
CA ALA A 40 26.91 20.49 15.41
C ALA A 40 27.89 20.20 16.54
N GLU A 41 28.74 21.18 16.86
CA GLU A 41 29.68 21.03 17.97
C GLU A 41 28.95 20.79 19.29
N GLN A 42 27.83 21.48 19.49
CA GLN A 42 27.05 21.29 20.70
C GLN A 42 26.52 19.86 20.81
N VAL A 43 26.01 19.31 19.69
CA VAL A 43 25.52 17.93 19.72
C VAL A 43 26.68 16.97 19.96
N VAL A 44 27.83 17.23 19.34
CA VAL A 44 29.01 16.39 19.59
C VAL A 44 29.32 16.36 21.08
N GLN A 45 29.30 17.51 21.73
CA GLN A 45 29.59 17.58 23.16
C GLN A 45 28.58 16.77 23.96
N GLU A 46 27.30 16.84 23.59
CA GLU A 46 26.28 16.09 24.32
C GLU A 46 26.48 14.59 24.16
N ILE A 47 26.86 14.13 22.97
CA ILE A 47 27.13 12.71 22.78
C ILE A 47 28.33 12.27 23.61
N GLN A 48 29.39 13.08 23.62
CA GLN A 48 30.57 12.73 24.41
C GLN A 48 30.24 12.71 25.90
N ALA A 49 29.34 13.59 26.34
CA ALA A 49 28.86 13.55 27.71
C ALA A 49 28.13 12.25 28.03
N LEU A 50 27.59 11.56 27.03
CA LEU A 50 26.91 10.28 27.24
C LEU A 50 27.87 9.10 27.22
N GLY A 51 29.17 9.33 27.07
CA GLY A 51 30.14 8.26 27.11
C GLY A 51 30.44 7.62 25.78
N GLN A 52 30.17 8.31 24.67
CA GLN A 52 30.43 7.77 23.35
C GLN A 52 31.32 8.73 22.58
N ASN A 53 32.07 8.20 21.63
CA ASN A 53 32.91 9.01 20.76
C ASN A 53 32.05 9.74 19.73
N SER A 54 32.42 11.00 19.47
CA SER A 54 31.70 11.75 18.46
C SER A 54 32.61 12.82 17.89
N HIS A 55 32.35 13.15 16.63
CA HIS A 55 32.86 14.33 15.96
C HIS A 55 31.85 14.68 14.88
N TYR A 56 32.04 15.81 14.22
CA TYR A 56 31.12 16.23 13.17
C TYR A 56 31.82 16.31 11.82
N LEU A 57 31.00 16.25 10.77
CA LEU A 57 31.41 16.50 9.39
C LEU A 57 30.48 17.54 8.80
N MET A 58 31.03 18.41 7.95
CA MET A 58 30.27 19.49 7.32
C MET A 58 30.28 19.30 5.82
N PHE A 59 29.11 19.09 5.22
CA PHE A 59 29.03 19.11 3.76
C PHE A 59 27.59 19.29 3.34
N ASP A 60 27.44 19.95 2.19
CA ASP A 60 26.21 19.95 1.43
C ASP A 60 26.10 18.60 0.72
N VAL A 61 25.01 17.86 0.97
CA VAL A 61 24.87 16.54 0.37
C VAL A 61 24.85 16.58 -1.15
N ASN A 62 24.67 17.77 -1.75
CA ASN A 62 24.63 17.91 -3.19
C ASN A 62 26.00 18.05 -3.84
N GLU A 63 27.05 18.36 -3.07
CA GLU A 63 28.41 18.51 -3.58
C GLU A 63 29.05 17.13 -3.68
N ARG A 64 28.82 16.47 -4.82
CA ARG A 64 29.07 15.04 -4.94
C ARG A 64 30.54 14.69 -4.65
N GLN A 65 31.47 15.35 -5.33
CA GLN A 65 32.89 15.00 -5.16
C GLN A 65 33.41 15.39 -3.79
N THR A 66 32.92 16.50 -3.24
CA THR A 66 33.34 16.90 -1.90
C THR A 66 32.89 15.90 -0.84
N VAL A 67 31.63 15.45 -0.94
CA VAL A 67 31.11 14.47 0.01
C VAL A 67 31.93 13.19 -0.05
N GLN A 68 32.30 12.76 -1.25
CA GLN A 68 33.12 11.56 -1.42
C GLN A 68 34.47 11.69 -0.71
N GLN A 69 35.15 12.83 -0.92
CA GLN A 69 36.46 13.03 -0.31
C GLN A 69 36.35 13.03 1.21
N ILE A 70 35.36 13.75 1.74
CA ILE A 70 35.18 13.83 3.19
C ILE A 70 34.88 12.45 3.76
N LEU A 71 33.96 11.72 3.14
CA LEU A 71 33.57 10.43 3.69
C LEU A 71 34.70 9.41 3.57
N GLU A 72 35.39 9.37 2.42
CA GLU A 72 36.50 8.44 2.27
C GLU A 72 37.60 8.75 3.29
N GLN A 73 37.91 10.03 3.51
CA GLN A 73 38.89 10.39 4.53
C GLN A 73 38.40 10.01 5.92
N ASP A 74 37.10 10.22 6.19
CA ASP A 74 36.57 9.89 7.51
C ASP A 74 36.60 8.39 7.76
N VAL A 75 36.29 7.58 6.74
CA VAL A 75 36.30 6.13 6.90
C VAL A 75 37.73 5.64 7.06
N GLU A 76 38.70 6.26 6.39
CA GLU A 76 40.09 5.87 6.54
C GLU A 76 40.60 6.19 7.94
N GLN A 77 40.22 7.36 8.48
CA GLN A 77 40.66 7.74 9.81
C GLN A 77 39.95 6.97 10.91
N HIS A 78 38.66 6.65 10.72
CA HIS A 78 37.86 6.15 11.83
C HIS A 78 37.21 4.79 11.60
N GLY A 79 37.39 4.16 10.43
CA GLY A 79 36.76 2.90 10.14
C GLY A 79 35.41 3.09 9.46
N GLY A 80 34.89 1.99 8.92
CA GLY A 80 33.61 2.04 8.24
C GLY A 80 32.45 2.31 9.19
N PHE A 81 31.41 2.95 8.65
CA PHE A 81 30.18 3.16 9.40
C PHE A 81 29.36 1.88 9.44
N TYR A 82 28.94 1.49 10.65
CA TYR A 82 27.99 0.38 10.78
C TYR A 82 26.60 0.79 10.32
N GLY A 83 26.25 2.05 10.50
CA GLY A 83 24.92 2.53 10.17
C GLY A 83 24.98 3.91 9.55
N VAL A 84 23.99 4.20 8.72
CA VAL A 84 23.81 5.53 8.17
C VAL A 84 22.34 5.89 8.26
N VAL A 85 22.04 7.07 8.79
CA VAL A 85 20.69 7.61 8.83
C VAL A 85 20.66 8.83 7.92
N LEU A 86 19.92 8.75 6.82
CA LEU A 86 19.79 9.87 5.87
C LEU A 86 18.60 10.73 6.30
N ASN A 87 18.88 11.80 7.03
CA ASN A 87 17.84 12.63 7.61
C ASN A 87 17.69 13.98 6.94
N ALA A 88 18.77 14.58 6.45
CA ALA A 88 18.69 15.92 5.86
C ALA A 88 17.80 15.91 4.63
N GLY A 89 16.84 16.84 4.58
CA GLY A 89 15.99 17.07 3.43
C GLY A 89 15.79 18.55 3.16
N LEU A 90 14.86 18.93 2.30
CA LEU A 90 14.64 20.34 1.99
C LEU A 90 13.29 20.53 1.29
N THR A 91 12.58 21.61 1.62
CA THR A 91 11.33 21.97 0.95
C THR A 91 11.46 23.32 0.23
N HIS A 92 10.69 23.45 -0.89
CA HIS A 92 10.48 24.73 -1.61
C HIS A 92 9.02 24.69 -2.10
N ASP A 93 8.09 25.06 -1.22
CA ASP A 93 6.67 24.85 -1.49
C ASP A 93 6.13 25.84 -2.51
N GLY A 94 5.06 25.43 -3.20
CA GLY A 94 4.36 26.26 -4.15
C GLY A 94 3.54 25.42 -5.11
N ALA A 95 2.50 26.04 -5.67
CA ALA A 95 1.75 25.39 -6.72
C ALA A 95 2.67 24.96 -7.87
N PHE A 96 2.39 23.79 -8.44
CA PHE A 96 3.32 23.22 -9.42
C PHE A 96 3.66 24.17 -10.58
N PRO A 97 2.71 24.87 -11.21
CA PRO A 97 3.11 25.80 -12.29
C PRO A 97 3.79 27.06 -11.78
N ALA A 98 3.81 27.30 -10.46
CA ALA A 98 4.50 28.43 -9.87
C ALA A 98 5.91 28.09 -9.39
N LEU A 99 6.28 26.81 -9.37
CA LEU A 99 7.61 26.44 -8.93
C LEU A 99 8.65 26.96 -9.90
N THR A 100 9.76 27.50 -9.38
CA THR A 100 10.90 27.81 -10.22
C THR A 100 11.76 26.58 -10.44
N ASP A 101 12.68 26.67 -11.42
CA ASP A 101 13.61 25.58 -11.66
C ASP A 101 14.40 25.21 -10.41
N GLN A 102 14.80 26.23 -9.63
CA GLN A 102 15.56 25.97 -8.42
C GLN A 102 14.69 25.34 -7.34
N ASP A 103 13.43 25.78 -7.24
CA ASP A 103 12.47 25.13 -6.35
C ASP A 103 12.41 23.64 -6.62
N TRP A 104 12.32 23.27 -7.90
CA TRP A 104 12.19 21.87 -8.27
C TRP A 104 13.52 21.14 -8.08
N ASP A 105 14.59 21.65 -8.67
CA ASP A 105 15.86 20.92 -8.73
C ASP A 105 16.49 20.73 -7.35
N GLU A 106 16.49 21.77 -6.51
CA GLU A 106 17.13 21.64 -5.21
C GLU A 106 16.40 20.64 -4.33
N VAL A 107 15.07 20.57 -4.45
CA VAL A 107 14.29 19.65 -3.63
C VAL A 107 14.52 18.21 -4.09
N ILE A 108 14.45 17.96 -5.40
CA ILE A 108 14.70 16.60 -5.91
C ILE A 108 16.12 16.15 -5.58
N SER A 109 17.11 17.00 -5.86
CA SER A 109 18.50 16.53 -5.75
C SER A 109 18.91 16.33 -4.30
N THR A 110 18.44 17.20 -3.39
CA THR A 110 18.84 17.07 -1.99
C THR A 110 18.47 15.70 -1.44
N SER A 111 17.31 15.18 -1.84
CA SER A 111 16.94 13.84 -1.41
C SER A 111 17.61 12.77 -2.27
N LEU A 112 17.46 12.85 -3.59
CA LEU A 112 17.86 11.74 -4.45
C LEU A 112 19.35 11.75 -4.74
N ASP A 113 19.93 12.91 -5.06
CA ASP A 113 21.38 12.96 -5.16
C ASP A 113 22.03 12.78 -3.80
N GLY A 114 21.42 13.27 -2.74
CA GLY A 114 21.97 13.08 -1.41
C GLY A 114 22.04 11.61 -1.04
N PHE A 115 21.04 10.83 -1.47
CA PHE A 115 21.07 9.38 -1.26
C PHE A 115 22.29 8.78 -1.95
N TYR A 116 22.48 9.10 -3.22
CA TYR A 116 23.59 8.56 -4.00
C TYR A 116 24.93 9.03 -3.46
N ASN A 117 25.06 10.34 -3.22
CA ASN A 117 26.34 10.93 -2.84
C ASN A 117 26.82 10.48 -1.47
N VAL A 118 25.89 10.25 -0.53
CA VAL A 118 26.30 9.85 0.81
C VAL A 118 26.49 8.34 0.89
N LEU A 119 25.61 7.54 0.27
CA LEU A 119 25.67 6.11 0.51
C LEU A 119 26.65 5.39 -0.40
N LYS A 120 26.85 5.86 -1.62
CA LYS A 120 27.76 5.14 -2.52
C LYS A 120 29.15 4.98 -1.93
N PRO A 121 29.79 6.02 -1.39
CA PRO A 121 31.10 5.82 -0.74
C PRO A 121 31.07 4.92 0.49
N LEU A 122 29.92 4.70 1.11
CA LEU A 122 29.86 4.05 2.40
C LEU A 122 29.39 2.61 2.37
N ILE A 123 28.85 2.12 1.24
CA ILE A 123 28.29 0.77 1.25
C ILE A 123 29.39 -0.27 1.42
N MET A 124 30.48 -0.18 0.64
CA MET A 124 31.50 -1.22 0.77
C MET A 124 32.25 -1.14 2.11
N PRO A 125 32.60 0.05 2.62
CA PRO A 125 33.15 0.10 3.98
C PRO A 125 32.21 -0.51 5.01
N MET A 126 30.89 -0.35 4.84
CA MET A 126 29.96 -0.99 5.77
C MET A 126 30.01 -2.50 5.62
N ILE A 127 29.97 -2.98 4.37
CA ILE A 127 30.02 -4.42 4.14
C ILE A 127 31.30 -5.02 4.70
N HIS A 128 32.40 -4.26 4.63
CA HIS A 128 33.70 -4.80 5.04
C HIS A 128 33.86 -4.92 6.55
N LEU A 129 32.94 -4.34 7.34
CA LEU A 129 32.98 -4.60 8.78
C LEU A 129 32.62 -6.05 9.10
N ARG A 130 31.92 -6.74 8.19
CA ARG A 130 31.55 -8.14 8.36
C ARG A 130 30.70 -8.35 9.60
N LYS A 131 29.79 -7.42 9.88
CA LYS A 131 28.92 -7.55 11.04
C LYS A 131 27.51 -7.03 10.75
N GLY A 132 27.08 -7.09 9.50
CA GLY A 132 25.78 -6.53 9.15
C GLY A 132 25.82 -5.02 9.11
N GLY A 133 24.64 -4.40 9.17
CA GLY A 133 24.58 -2.95 9.13
C GLY A 133 23.14 -2.46 9.19
N ARG A 134 23.01 -1.14 9.15
CA ARG A 134 21.72 -0.48 9.32
C ARG A 134 21.70 0.77 8.46
N ILE A 135 20.72 0.90 7.58
CA ILE A 135 20.51 2.13 6.83
C ILE A 135 19.05 2.54 7.03
N VAL A 136 18.83 3.80 7.41
CA VAL A 136 17.48 4.32 7.63
C VAL A 136 17.37 5.65 6.92
N THR A 137 16.38 5.79 6.04
CA THR A 137 16.10 7.04 5.36
C THR A 137 14.87 7.68 5.97
N LEU A 138 14.83 9.02 5.94
CA LEU A 138 13.68 9.76 6.46
C LEU A 138 12.89 10.28 5.27
N SER A 139 11.69 9.72 5.07
CA SER A 139 10.79 10.23 4.05
C SER A 139 9.74 11.11 4.71
N SER A 140 8.50 11.02 4.26
CA SER A 140 7.44 11.87 4.79
C SER A 140 6.12 11.27 4.37
N VAL A 141 5.05 11.66 5.09
CA VAL A 141 3.71 11.29 4.67
C VAL A 141 3.47 11.77 3.24
N SER A 142 4.09 12.89 2.84
CA SER A 142 3.90 13.41 1.48
C SER A 142 4.51 12.51 0.41
N GLY A 143 5.58 11.77 0.75
CA GLY A 143 6.16 10.82 -0.21
C GLY A 143 5.30 9.59 -0.41
N ILE A 144 4.37 9.32 0.50
CA ILE A 144 3.44 8.22 0.35
C ILE A 144 2.16 8.66 -0.37
N MET A 145 1.64 9.85 -0.05
CA MET A 145 0.30 10.23 -0.46
C MET A 145 0.25 11.46 -1.35
N GLY A 146 1.34 12.20 -1.48
CA GLY A 146 1.32 13.49 -2.15
C GLY A 146 0.74 14.56 -1.25
N ASN A 147 1.05 15.81 -1.58
CA ASN A 147 0.51 16.94 -0.82
C ASN A 147 0.46 18.15 -1.74
N ARG A 148 -0.67 18.89 -1.69
CA ARG A 148 -0.81 20.15 -2.41
C ARG A 148 0.36 21.09 -2.13
N GLY A 149 0.82 21.79 -3.17
CA GLY A 149 1.93 22.70 -3.01
C GLY A 149 3.28 22.03 -2.80
N GLN A 150 3.34 20.71 -2.92
CA GLN A 150 4.57 19.98 -2.67
C GLN A 150 4.78 18.89 -3.72
N VAL A 151 4.52 19.21 -4.99
CA VAL A 151 4.74 18.20 -6.03
C VAL A 151 6.20 17.80 -6.05
N ASN A 152 7.09 18.78 -5.79
CA ASN A 152 8.53 18.51 -5.77
C ASN A 152 8.94 17.71 -4.54
N TYR A 153 8.46 18.14 -3.36
CA TYR A 153 8.79 17.43 -2.13
C TYR A 153 8.21 16.02 -2.13
N SER A 154 6.97 15.88 -2.63
CA SER A 154 6.36 14.56 -2.72
C SER A 154 7.16 13.64 -3.63
N ALA A 155 7.58 14.15 -4.78
CA ALA A 155 8.42 13.36 -5.68
C ALA A 155 9.73 12.96 -5.01
N ALA A 156 10.37 13.91 -4.31
CA ALA A 156 11.66 13.62 -3.68
C ALA A 156 11.52 12.54 -2.61
N LYS A 157 10.49 12.65 -1.79
CA LYS A 157 10.35 11.73 -0.67
C LYS A 157 9.79 10.39 -1.11
N ALA A 158 8.99 10.37 -2.18
CA ALA A 158 8.59 9.09 -2.77
C ALA A 158 9.78 8.40 -3.43
N GLY A 159 10.61 9.16 -4.14
CA GLY A 159 11.80 8.59 -4.75
C GLY A 159 12.75 8.01 -3.72
N LEU A 160 12.81 8.63 -2.54
CA LEU A 160 13.61 8.08 -1.45
C LEU A 160 13.10 6.71 -1.05
N ILE A 161 11.78 6.54 -1.05
CA ILE A 161 11.19 5.25 -0.71
C ILE A 161 11.58 4.19 -1.75
N GLY A 162 11.46 4.52 -3.04
CA GLY A 162 11.84 3.56 -4.07
C GLY A 162 13.29 3.15 -3.95
N ALA A 163 14.18 4.11 -3.69
CA ALA A 163 15.60 3.81 -3.57
C ALA A 163 15.87 2.96 -2.34
N THR A 164 15.20 3.25 -1.23
CA THR A 164 15.39 2.48 0.00
C THR A 164 14.97 1.03 -0.20
N LYS A 165 13.80 0.80 -0.82
CA LYS A 165 13.34 -0.58 -0.99
C LYS A 165 14.27 -1.35 -1.94
N ALA A 166 14.73 -0.69 -3.00
CA ALA A 166 15.64 -1.38 -3.93
C ALA A 166 16.95 -1.73 -3.22
N LEU A 167 17.48 -0.80 -2.42
CA LEU A 167 18.76 -1.06 -1.76
C LEU A 167 18.63 -2.15 -0.71
N ALA A 168 17.48 -2.23 -0.02
CA ALA A 168 17.24 -3.32 0.91
C ALA A 168 17.41 -4.66 0.23
N LEU A 169 16.92 -4.79 -1.00
CA LEU A 169 17.04 -6.06 -1.71
C LEU A 169 18.50 -6.38 -2.03
N GLU A 170 19.29 -5.37 -2.37
CA GLU A 170 20.68 -5.60 -2.72
C GLU A 170 21.54 -5.93 -1.52
N LEU A 171 21.22 -5.38 -0.34
CA LEU A 171 22.08 -5.52 0.82
C LEU A 171 21.61 -6.59 1.79
N ALA A 172 20.43 -7.19 1.54
CA ALA A 172 19.89 -8.17 2.47
C ALA A 172 20.84 -9.33 2.73
N LYS A 173 21.48 -9.85 1.68
CA LYS A 173 22.35 -11.01 1.90
C LYS A 173 23.56 -10.66 2.78
N ARG A 174 23.91 -9.39 2.91
CA ARG A 174 24.96 -8.93 3.80
C ARG A 174 24.48 -8.65 5.22
N LYS A 175 23.24 -9.02 5.56
CA LYS A 175 22.65 -8.76 6.89
C LYS A 175 22.62 -7.26 7.20
N ILE A 176 22.49 -6.44 6.18
CA ILE A 176 22.28 -5.01 6.34
C ILE A 176 20.80 -4.74 6.06
N THR A 177 20.07 -4.27 7.06
CA THR A 177 18.68 -3.87 6.83
C THR A 177 18.62 -2.42 6.33
N VAL A 178 17.65 -2.15 5.45
CA VAL A 178 17.47 -0.84 4.85
C VAL A 178 15.99 -0.48 4.94
N ASN A 179 15.67 0.56 5.71
CA ASN A 179 14.28 0.92 5.95
C ASN A 179 14.10 2.42 5.86
N CYS A 180 12.85 2.82 5.74
CA CYS A 180 12.45 4.21 5.65
C CYS A 180 11.53 4.54 6.81
N VAL A 181 11.69 5.72 7.42
CA VAL A 181 10.75 6.23 8.40
C VAL A 181 10.08 7.45 7.81
N ALA A 182 8.75 7.47 7.81
CA ALA A 182 7.98 8.54 7.19
C ALA A 182 7.22 9.30 8.26
N PRO A 183 7.75 10.41 8.77
CA PRO A 183 7.05 11.13 9.83
C PRO A 183 5.84 11.87 9.28
N GLY A 184 4.88 12.12 10.15
CA GLY A 184 3.76 12.98 9.84
C GLY A 184 4.09 14.41 10.17
N LEU A 185 3.21 15.09 10.90
CA LEU A 185 3.42 16.47 11.30
C LEU A 185 4.13 16.49 12.64
N ILE A 186 5.37 16.97 12.66
CA ILE A 186 6.23 16.91 13.85
C ILE A 186 6.52 18.33 14.32
N GLU A 187 6.45 18.54 15.64
CA GLU A 187 6.74 19.87 16.19
C GLU A 187 8.25 20.13 16.15
N THR A 188 8.66 21.00 15.24
CA THR A 188 10.06 21.42 15.16
C THR A 188 10.15 22.93 15.37
N GLU A 194 -2.52 28.21 15.92
CA GLU A 194 -3.51 27.81 14.92
C GLU A 194 -3.03 26.64 14.07
N VAL A 195 -1.73 26.34 14.16
CA VAL A 195 -1.27 25.04 13.70
C VAL A 195 -1.76 23.96 14.66
N LYS A 196 -1.78 24.26 15.97
CA LYS A 196 -2.31 23.31 16.94
C LYS A 196 -3.78 23.01 16.70
N GLU A 197 -4.53 23.97 16.15
CA GLU A 197 -5.93 23.72 15.81
C GLU A 197 -6.06 22.81 14.59
N HIS A 198 -5.19 23.00 13.59
CA HIS A 198 -5.16 22.06 12.47
C HIS A 198 -4.79 20.65 12.93
N ALA A 199 -3.81 20.55 13.82
CA ALA A 199 -3.43 19.24 14.35
C ALA A 199 -4.58 18.61 15.13
N LEU A 200 -5.24 19.41 15.98
CA LEU A 200 -6.39 18.93 16.73
C LEU A 200 -7.45 18.36 15.81
N LYS A 201 -7.62 18.96 14.63
CA LYS A 201 -8.72 18.63 13.73
C LYS A 201 -8.37 17.51 12.76
N MET A 202 -7.13 17.45 12.28
CA MET A 202 -6.79 16.58 11.16
C MET A 202 -6.06 15.29 11.57
N ILE A 203 -5.50 15.21 12.77
CA ILE A 203 -4.66 14.09 13.18
C ILE A 203 -5.43 13.29 14.22
N PRO A 204 -5.58 11.96 14.06
CA PRO A 204 -6.38 11.23 15.03
C PRO A 204 -5.89 11.38 16.47
N LEU A 205 -4.57 11.38 16.70
CA LEU A 205 -4.08 11.60 18.06
C LEU A 205 -4.24 13.05 18.52
N GLN A 206 -4.65 13.96 17.63
CA GLN A 206 -5.06 15.33 17.95
C GLN A 206 -3.88 16.24 18.30
N ARG A 207 -2.67 15.89 17.88
CA ARG A 207 -1.49 16.68 18.23
C ARG A 207 -0.39 16.39 17.22
N MET A 208 0.56 17.32 17.15
CA MET A 208 1.76 17.06 16.38
C MET A 208 2.66 16.08 17.12
N GLY A 209 3.50 15.40 16.37
CA GLY A 209 4.47 14.53 17.00
C GLY A 209 5.62 15.33 17.61
N GLN A 210 6.31 14.71 18.57
CA GLN A 210 7.54 15.26 19.11
C GLN A 210 8.74 14.57 18.45
N VAL A 211 9.88 15.27 18.40
CA VAL A 211 11.03 14.72 17.68
C VAL A 211 11.47 13.38 18.26
N ASP A 212 11.37 13.20 19.59
CA ASP A 212 11.76 11.91 20.16
C ASP A 212 10.82 10.78 19.74
N GLU A 213 9.58 11.11 19.40
CA GLU A 213 8.66 10.07 18.93
C GLU A 213 9.08 9.55 17.56
N VAL A 214 9.74 10.38 16.77
CA VAL A 214 10.32 9.91 15.51
C VAL A 214 11.63 9.19 15.76
N ALA A 215 12.50 9.80 16.59
CA ALA A 215 13.83 9.24 16.86
C ALA A 215 13.74 7.84 17.46
N SER A 216 12.72 7.59 18.30
CA SER A 216 12.56 6.27 18.91
C SER A 216 12.38 5.18 17.84
N VAL A 217 11.66 5.49 16.77
CA VAL A 217 11.44 4.51 15.71
C VAL A 217 12.74 4.24 14.96
N VAL A 218 13.50 5.31 14.66
CA VAL A 218 14.79 5.13 14.01
C VAL A 218 15.73 4.32 14.90
N LYS A 219 15.73 4.65 16.20
CA LYS A 219 16.61 3.96 17.14
C LYS A 219 16.23 2.48 17.22
N PHE A 220 14.93 2.18 17.21
CA PHE A 220 14.53 0.77 17.21
C PHE A 220 15.03 0.07 15.95
N LEU A 221 14.90 0.72 14.80
CA LEU A 221 15.30 0.06 13.55
C LEU A 221 16.80 -0.17 13.51
N CYS A 222 17.56 0.73 14.11
CA CYS A 222 19.01 0.57 14.18
C CYS A 222 19.43 -0.48 15.20
N SER A 223 18.51 -0.93 16.06
CA SER A 223 18.87 -1.88 17.09
C SER A 223 19.02 -3.30 16.52
N ASP A 224 19.74 -4.13 17.26
CA ASP A 224 19.89 -5.53 16.88
C ASP A 224 18.56 -6.28 16.89
N GLU A 225 17.58 -5.80 17.66
CA GLU A 225 16.31 -6.50 17.76
C GLU A 225 15.52 -6.44 16.46
N ALA A 226 15.76 -5.41 15.65
CA ALA A 226 15.04 -5.17 14.41
C ALA A 226 15.67 -5.90 13.23
N SER A 227 16.35 -7.02 13.47
CA SER A 227 17.15 -7.65 12.42
C SER A 227 16.32 -8.34 11.35
N TYR A 228 15.01 -8.51 11.53
CA TYR A 228 14.19 -9.12 10.48
C TYR A 228 13.29 -8.10 9.78
N VAL A 229 13.48 -6.82 10.04
CA VAL A 229 12.72 -5.73 9.42
C VAL A 229 13.61 -5.12 8.34
N THR A 230 13.20 -5.25 7.08
CA THR A 230 13.90 -4.57 6.02
C THR A 230 12.94 -4.37 4.85
N ARG A 231 13.28 -3.41 3.99
CA ARG A 231 12.46 -3.00 2.85
C ARG A 231 11.19 -2.24 3.27
N GLN A 232 11.09 -1.79 4.52
CA GLN A 232 9.85 -1.24 5.04
C GLN A 232 9.86 0.30 5.05
N VAL A 233 8.65 0.86 4.91
CA VAL A 233 8.38 2.26 5.20
C VAL A 233 7.51 2.30 6.45
N ILE A 234 8.03 2.82 7.55
CA ILE A 234 7.32 2.86 8.81
C ILE A 234 6.83 4.29 9.04
N SER A 235 5.51 4.48 9.06
CA SER A 235 4.93 5.82 9.25
C SER A 235 4.80 6.12 10.74
N VAL A 236 5.25 7.31 11.14
CA VAL A 236 5.14 7.80 12.52
C VAL A 236 4.36 9.11 12.42
N ASN A 237 3.03 9.01 12.42
CA ASN A 237 2.23 10.13 11.97
C ASN A 237 0.95 10.34 12.77
N GLY A 238 0.83 9.72 13.94
CA GLY A 238 -0.35 9.91 14.78
C GLY A 238 -1.64 9.42 14.17
N GLY A 239 -1.57 8.50 13.20
CA GLY A 239 -2.75 7.98 12.59
C GLY A 239 -3.20 8.70 11.35
N LEU A 240 -2.44 9.69 10.88
CA LEU A 240 -2.84 10.48 9.73
C LEU A 240 -3.19 9.62 8.52
N ILE A 241 -2.33 8.65 8.22
CA ILE A 241 -2.59 7.64 7.19
C ILE A 241 -1.97 6.33 7.66
N MET B 1 -21.96 -19.62 -27.23
CA MET B 1 -23.01 -18.90 -26.52
C MET B 1 -22.44 -17.73 -25.72
N THR B 2 -23.29 -16.73 -25.51
CA THR B 2 -22.87 -15.47 -24.92
C THR B 2 -22.38 -15.66 -23.49
N ARG B 3 -21.30 -14.99 -23.14
CA ARG B 3 -20.78 -15.06 -21.78
C ARG B 3 -21.74 -14.36 -20.83
N ARG B 4 -21.94 -14.96 -19.66
CA ARG B 4 -22.93 -14.56 -18.68
C ARG B 4 -22.23 -14.15 -17.39
N ILE B 5 -22.72 -13.07 -16.76
CA ILE B 5 -22.14 -12.57 -15.52
C ILE B 5 -23.24 -12.44 -14.47
N LEU B 6 -22.95 -12.92 -13.26
CA LEU B 6 -23.81 -12.73 -12.11
C LEU B 6 -23.38 -11.46 -11.37
N VAL B 7 -24.33 -10.58 -11.07
CA VAL B 7 -24.05 -9.40 -10.24
C VAL B 7 -24.91 -9.51 -8.98
N THR B 8 -24.29 -9.78 -7.83
CA THR B 8 -25.07 -9.78 -6.59
C THR B 8 -25.48 -8.35 -6.22
N GLY B 9 -26.66 -8.22 -5.63
CA GLY B 9 -27.16 -6.93 -5.21
C GLY B 9 -27.36 -5.95 -6.34
N SER B 10 -27.94 -6.43 -7.45
CA SER B 10 -28.10 -5.61 -8.64
C SER B 10 -29.53 -5.13 -8.82
N SER B 11 -30.37 -5.22 -7.78
CA SER B 11 -31.71 -4.64 -7.89
C SER B 11 -31.70 -3.12 -7.86
N ARG B 12 -30.63 -2.50 -7.37
CA ARG B 12 -30.63 -1.06 -7.17
C ARG B 12 -29.21 -0.61 -6.90
N GLY B 13 -29.02 0.71 -6.87
CA GLY B 13 -27.73 1.22 -6.43
C GLY B 13 -26.58 0.90 -7.38
N ILE B 14 -25.38 0.72 -6.79
CA ILE B 14 -24.20 0.46 -7.62
C ILE B 14 -24.37 -0.84 -8.40
N GLY B 15 -24.94 -1.88 -7.77
CA GLY B 15 -25.05 -3.16 -8.45
C GLY B 15 -25.91 -3.09 -9.70
N LYS B 16 -27.00 -2.32 -9.63
CA LYS B 16 -27.83 -2.11 -10.81
C LYS B 16 -27.05 -1.43 -11.93
N ALA B 17 -26.30 -0.37 -11.58
CA ALA B 17 -25.53 0.33 -12.60
C ALA B 17 -24.50 -0.60 -13.24
N ILE B 18 -23.86 -1.44 -12.43
CA ILE B 18 -22.93 -2.45 -12.94
C ILE B 18 -23.63 -3.38 -13.91
N ALA B 19 -24.78 -3.93 -13.51
CA ALA B 19 -25.48 -4.87 -14.38
C ALA B 19 -25.82 -4.22 -15.72
N LEU B 20 -26.30 -2.98 -15.70
CA LEU B 20 -26.68 -2.32 -16.95
C LEU B 20 -25.49 -2.07 -17.85
N GLN B 21 -24.34 -1.68 -17.26
CA GLN B 21 -23.16 -1.44 -18.09
C GLN B 21 -22.62 -2.73 -18.68
N LEU B 22 -22.65 -3.81 -17.90
CA LEU B 22 -22.19 -5.09 -18.43
C LEU B 22 -23.10 -5.55 -19.57
N ALA B 23 -24.42 -5.32 -19.44
CA ALA B 23 -25.32 -5.63 -20.55
C ALA B 23 -24.99 -4.81 -21.78
N LYS B 24 -24.73 -3.51 -21.61
CA LYS B 24 -24.37 -2.67 -22.75
C LYS B 24 -23.05 -3.09 -23.37
N ALA B 25 -22.16 -3.69 -22.59
CA ALA B 25 -20.92 -4.22 -23.14
C ALA B 25 -21.13 -5.55 -23.85
N GLY B 26 -22.35 -6.10 -23.82
CA GLY B 26 -22.66 -7.31 -24.55
C GLY B 26 -22.66 -8.60 -23.76
N PHE B 27 -22.60 -8.54 -22.44
CA PHE B 27 -22.76 -9.74 -21.62
C PHE B 27 -24.23 -10.01 -21.36
N ASP B 28 -24.58 -11.28 -21.25
CA ASP B 28 -25.81 -11.65 -20.58
C ASP B 28 -25.58 -11.47 -19.09
N VAL B 29 -26.58 -10.97 -18.38
CA VAL B 29 -26.40 -10.56 -16.99
C VAL B 29 -27.53 -11.12 -16.16
N THR B 30 -27.18 -11.82 -15.08
CA THR B 30 -28.17 -12.35 -14.14
C THR B 30 -28.23 -11.43 -12.93
N VAL B 31 -29.42 -10.98 -12.62
CA VAL B 31 -29.68 -9.99 -11.56
C VAL B 31 -29.88 -10.75 -10.28
N HIS B 32 -29.54 -10.14 -9.16
CA HIS B 32 -29.75 -10.81 -7.88
C HIS B 32 -30.19 -9.79 -6.83
N ALA B 33 -31.04 -10.23 -5.92
CA ALA B 33 -31.44 -9.40 -4.79
C ALA B 33 -31.71 -10.28 -3.58
N ARG B 34 -31.71 -9.67 -2.40
CA ARG B 34 -32.08 -10.44 -1.21
C ARG B 34 -33.61 -10.56 -1.10
N SER B 35 -34.33 -9.46 -1.23
CA SER B 35 -35.79 -9.50 -1.09
C SER B 35 -36.57 -8.56 -2.00
N ARG B 36 -35.94 -7.55 -2.63
CA ARG B 36 -36.69 -6.60 -3.43
C ARG B 36 -36.92 -7.17 -4.83
N GLN B 37 -37.82 -8.16 -4.88
CA GLN B 37 -38.08 -8.88 -6.12
C GLN B 37 -38.65 -7.95 -7.20
N ALA B 38 -39.57 -7.06 -6.85
CA ALA B 38 -40.13 -6.16 -7.87
C ALA B 38 -39.03 -5.33 -8.53
N GLU B 39 -38.10 -4.81 -7.73
CA GLU B 39 -37.01 -4.02 -8.31
C GLU B 39 -36.07 -4.89 -9.14
N ALA B 40 -35.77 -6.12 -8.66
CA ALA B 40 -34.98 -7.04 -9.46
C ALA B 40 -35.62 -7.30 -10.83
N GLU B 41 -36.93 -7.53 -10.85
CA GLU B 41 -37.58 -7.81 -12.14
CA GLU B 41 -37.65 -7.79 -12.11
C GLU B 41 -37.53 -6.60 -13.07
N GLN B 42 -37.52 -5.38 -12.53
CA GLN B 42 -37.42 -4.21 -13.39
C GLN B 42 -36.03 -4.07 -14.00
N VAL B 43 -34.99 -4.42 -13.24
CA VAL B 43 -33.65 -4.43 -13.80
C VAL B 43 -33.53 -5.50 -14.88
N VAL B 44 -34.13 -6.68 -14.66
CA VAL B 44 -34.16 -7.72 -15.68
C VAL B 44 -34.81 -7.20 -16.96
N GLN B 45 -35.93 -6.47 -16.83
CA GLN B 45 -36.62 -5.95 -18.02
C GLN B 45 -35.73 -4.99 -18.78
N GLU B 46 -34.99 -4.14 -18.05
CA GLU B 46 -34.10 -3.17 -18.70
C GLU B 46 -32.97 -3.87 -19.44
N ILE B 47 -32.37 -4.90 -18.83
CA ILE B 47 -31.30 -5.64 -19.50
C ILE B 47 -31.85 -6.30 -20.77
N GLN B 48 -33.06 -6.84 -20.70
CA GLN B 48 -33.67 -7.43 -21.90
C GLN B 48 -33.92 -6.37 -22.97
N ALA B 49 -34.47 -5.22 -22.59
CA ALA B 49 -34.69 -4.14 -23.55
C ALA B 49 -33.38 -3.62 -24.12
N LEU B 50 -32.29 -3.79 -23.36
CA LEU B 50 -30.96 -3.46 -23.85
C LEU B 50 -30.44 -4.47 -24.87
N GLY B 51 -31.10 -5.61 -25.03
CA GLY B 51 -30.71 -6.60 -26.02
C GLY B 51 -30.01 -7.83 -25.48
N GLN B 52 -29.97 -8.04 -24.17
CA GLN B 52 -29.29 -9.21 -23.63
C GLN B 52 -30.26 -10.07 -22.83
N ASN B 53 -29.90 -11.34 -22.68
CA ASN B 53 -30.68 -12.25 -21.85
C ASN B 53 -30.49 -11.92 -20.37
N SER B 54 -31.58 -12.01 -19.61
CA SER B 54 -31.48 -11.75 -18.19
C SER B 54 -32.61 -12.45 -17.45
N HIS B 55 -32.31 -12.84 -16.20
CA HIS B 55 -33.32 -13.26 -15.24
C HIS B 55 -32.75 -12.94 -13.87
N TYR B 56 -33.57 -13.06 -12.82
CA TYR B 56 -33.10 -12.75 -11.48
C TYR B 56 -33.08 -13.98 -10.59
N LEU B 57 -32.21 -13.93 -9.58
CA LEU B 57 -32.15 -14.92 -8.52
C LEU B 57 -32.34 -14.19 -7.19
N MET B 58 -33.13 -14.77 -6.29
CA MET B 58 -33.35 -14.18 -4.97
C MET B 58 -32.70 -15.06 -3.91
N PHE B 59 -31.79 -14.49 -3.13
CA PHE B 59 -31.29 -15.21 -1.96
C PHE B 59 -30.51 -14.27 -1.06
N ASP B 60 -30.52 -14.60 0.22
CA ASP B 60 -29.59 -14.02 1.18
C ASP B 60 -28.25 -14.72 1.03
N VAL B 61 -27.17 -13.95 0.78
CA VAL B 61 -25.87 -14.55 0.56
C VAL B 61 -25.34 -15.29 1.79
N ASN B 62 -25.94 -15.07 2.95
CA ASN B 62 -25.52 -15.77 4.17
C ASN B 62 -26.17 -17.14 4.33
N GLU B 63 -27.16 -17.49 3.50
CA GLU B 63 -27.87 -18.76 3.63
C GLU B 63 -27.16 -19.79 2.77
N ARG B 64 -26.10 -20.38 3.36
CA ARG B 64 -25.08 -21.09 2.58
C ARG B 64 -25.69 -22.20 1.73
N GLN B 65 -26.53 -23.05 2.33
CA GLN B 65 -27.06 -24.20 1.61
C GLN B 65 -28.08 -23.77 0.57
N THR B 66 -28.95 -22.82 0.91
CA THR B 66 -29.92 -22.28 -0.05
C THR B 66 -29.21 -21.67 -1.26
N VAL B 67 -28.17 -20.87 -0.99
CA VAL B 67 -27.39 -20.29 -2.08
C VAL B 67 -26.81 -21.38 -2.98
N GLN B 68 -26.23 -22.41 -2.37
CA GLN B 68 -25.64 -23.51 -3.14
C GLN B 68 -26.67 -24.17 -4.05
N GLN B 69 -27.88 -24.42 -3.51
CA GLN B 69 -28.91 -25.09 -4.29
C GLN B 69 -29.40 -24.21 -5.43
N ILE B 70 -29.55 -22.91 -5.18
CA ILE B 70 -30.04 -22.00 -6.22
C ILE B 70 -29.00 -21.83 -7.31
N LEU B 71 -27.73 -21.65 -6.94
CA LEU B 71 -26.71 -21.45 -7.96
C LEU B 71 -26.46 -22.72 -8.76
N GLU B 72 -26.47 -23.88 -8.10
CA GLU B 72 -26.28 -25.13 -8.83
C GLU B 72 -27.38 -25.33 -9.87
N GLN B 73 -28.63 -25.12 -9.47
CA GLN B 73 -29.73 -25.27 -10.42
C GLN B 73 -29.64 -24.24 -11.54
N ASP B 74 -29.24 -23.01 -11.22
CA ASP B 74 -29.15 -21.98 -12.25
C ASP B 74 -28.08 -22.30 -13.27
N VAL B 75 -26.93 -22.78 -12.82
CA VAL B 75 -25.86 -23.15 -13.75
C VAL B 75 -26.27 -24.38 -14.55
N GLU B 76 -27.03 -25.30 -13.96
CA GLU B 76 -27.50 -26.45 -14.72
C GLU B 76 -28.41 -26.02 -15.85
N GLN B 77 -29.28 -25.05 -15.60
CA GLN B 77 -30.23 -24.62 -16.62
C GLN B 77 -29.59 -23.68 -17.63
N HIS B 78 -28.69 -22.80 -17.20
CA HIS B 78 -28.25 -21.72 -18.07
C HIS B 78 -26.76 -21.71 -18.37
N GLY B 79 -26.00 -22.67 -17.88
CA GLY B 79 -24.58 -22.70 -18.11
C GLY B 79 -23.79 -22.00 -17.01
N GLY B 80 -22.49 -22.28 -16.97
CA GLY B 80 -21.63 -21.63 -16.00
C GLY B 80 -21.54 -20.13 -16.24
N PHE B 81 -21.31 -19.39 -15.16
CA PHE B 81 -21.02 -17.96 -15.26
C PHE B 81 -19.57 -17.74 -15.67
N TYR B 82 -19.38 -16.91 -16.68
CA TYR B 82 -18.05 -16.43 -17.04
C TYR B 82 -17.53 -15.40 -16.05
N GLY B 83 -18.42 -14.58 -15.51
CA GLY B 83 -18.03 -13.58 -14.53
C GLY B 83 -18.94 -13.56 -13.33
N VAL B 84 -18.38 -13.13 -12.19
CA VAL B 84 -19.15 -12.90 -10.97
C VAL B 84 -18.71 -11.58 -10.36
N VAL B 85 -19.66 -10.68 -10.09
CA VAL B 85 -19.39 -9.42 -9.39
C VAL B 85 -20.05 -9.50 -8.03
N LEU B 86 -19.25 -9.51 -6.97
CA LEU B 86 -19.75 -9.59 -5.61
C LEU B 86 -19.95 -8.17 -5.13
N ASN B 87 -21.14 -7.64 -5.40
CA ASN B 87 -21.45 -6.25 -5.09
C ASN B 87 -22.28 -6.10 -3.82
N ALA B 88 -23.21 -7.01 -3.54
CA ALA B 88 -24.10 -6.87 -2.40
C ALA B 88 -23.28 -6.74 -1.11
N GLY B 89 -23.65 -5.76 -0.27
CA GLY B 89 -22.95 -5.56 0.98
C GLY B 89 -23.92 -5.07 2.05
N LEU B 90 -23.38 -4.81 3.23
CA LEU B 90 -24.24 -4.39 4.34
C LEU B 90 -23.41 -3.58 5.33
N THR B 91 -23.97 -2.46 5.80
CA THR B 91 -23.39 -1.72 6.93
C THR B 91 -24.30 -1.80 8.14
N HIS B 92 -23.71 -1.69 9.34
CA HIS B 92 -24.44 -1.49 10.60
C HIS B 92 -23.53 -0.57 11.41
N ASP B 93 -23.59 0.72 11.13
CA ASP B 93 -22.58 1.64 11.66
C ASP B 93 -22.77 1.88 13.15
N GLY B 94 -21.68 2.26 13.80
CA GLY B 94 -21.72 2.57 15.22
C GLY B 94 -20.34 2.48 15.84
N ALA B 95 -20.10 3.25 16.90
CA ALA B 95 -18.83 3.10 17.63
C ALA B 95 -18.69 1.65 18.09
N PHE B 96 -17.43 1.16 18.12
CA PHE B 96 -17.17 -0.23 18.48
C PHE B 96 -17.84 -0.64 19.80
N PRO B 97 -17.76 0.15 20.88
CA PRO B 97 -18.47 -0.27 22.11
C PRO B 97 -19.98 -0.30 21.95
N ALA B 98 -20.54 0.41 20.96
CA ALA B 98 -21.99 0.46 20.75
C ALA B 98 -22.50 -0.69 19.89
N LEU B 99 -21.64 -1.30 19.08
CA LEU B 99 -22.07 -2.37 18.19
C LEU B 99 -22.68 -3.53 18.97
N THR B 100 -23.80 -4.02 18.49
CA THR B 100 -24.38 -5.27 18.97
C THR B 100 -23.75 -6.47 18.27
N ASP B 101 -24.01 -7.66 18.81
CA ASP B 101 -23.56 -8.88 18.12
C ASP B 101 -24.10 -8.94 16.70
N GLN B 102 -25.37 -8.58 16.52
CA GLN B 102 -25.95 -8.59 15.18
C GLN B 102 -25.27 -7.57 14.28
N ASP B 103 -25.01 -6.36 14.81
CA ASP B 103 -24.29 -5.36 14.02
C ASP B 103 -22.97 -5.90 13.49
N TRP B 104 -22.24 -6.61 14.35
CA TRP B 104 -20.94 -7.17 13.96
C TRP B 104 -21.12 -8.34 13.01
N ASP B 105 -21.92 -9.33 13.42
CA ASP B 105 -21.97 -10.59 12.70
C ASP B 105 -22.55 -10.44 11.30
N GLU B 106 -23.64 -9.68 11.15
CA GLU B 106 -24.26 -9.55 9.84
C GLU B 106 -23.35 -8.83 8.85
N VAL B 107 -22.55 -7.89 9.33
CA VAL B 107 -21.69 -7.14 8.43
C VAL B 107 -20.51 -8.00 8.00
N ILE B 108 -19.86 -8.67 8.95
CA ILE B 108 -18.74 -9.56 8.61
C ILE B 108 -19.22 -10.66 7.66
N SER B 109 -20.34 -11.31 8.00
CA SER B 109 -20.73 -12.49 7.24
C SER B 109 -21.22 -12.12 5.84
N THR B 110 -21.96 -11.03 5.69
CA THR B 110 -22.47 -10.67 4.37
C THR B 110 -21.33 -10.52 3.35
N SER B 111 -20.18 -9.97 3.78
CA SER B 111 -19.03 -9.90 2.88
C SER B 111 -18.27 -11.22 2.78
N LEU B 112 -17.88 -11.80 3.92
CA LEU B 112 -16.93 -12.92 3.88
C LEU B 112 -17.61 -14.27 3.73
N ASP B 113 -18.73 -14.51 4.42
CA ASP B 113 -19.53 -15.69 4.10
C ASP B 113 -20.10 -15.57 2.69
N GLY B 114 -20.48 -14.35 2.28
CA GLY B 114 -21.02 -14.18 0.94
C GLY B 114 -20.03 -14.52 -0.14
N PHE B 115 -18.76 -14.11 0.05
CA PHE B 115 -17.68 -14.47 -0.87
C PHE B 115 -17.61 -16.00 -1.04
N TYR B 116 -17.55 -16.71 0.09
CA TYR B 116 -17.44 -18.16 0.06
C TYR B 116 -18.71 -18.81 -0.48
N ASN B 117 -19.87 -18.38 -0.01
CA ASN B 117 -21.12 -19.04 -0.36
C ASN B 117 -21.51 -18.87 -1.82
N VAL B 118 -21.18 -17.73 -2.42
CA VAL B 118 -21.50 -17.52 -3.83
C VAL B 118 -20.41 -18.07 -4.74
N LEU B 119 -19.12 -17.95 -4.37
CA LEU B 119 -18.09 -18.36 -5.31
C LEU B 119 -17.84 -19.87 -5.28
N LYS B 120 -17.99 -20.53 -4.12
CA LYS B 120 -17.70 -21.97 -4.08
C LYS B 120 -18.52 -22.76 -5.09
N PRO B 121 -19.84 -22.56 -5.23
CA PRO B 121 -20.58 -23.30 -6.26
C PRO B 121 -20.28 -22.88 -7.68
N LEU B 122 -19.59 -21.74 -7.91
CA LEU B 122 -19.45 -21.20 -9.24
C LEU B 122 -18.05 -21.30 -9.83
N ILE B 123 -17.03 -21.60 -9.03
CA ILE B 123 -15.65 -21.60 -9.53
C ILE B 123 -15.45 -22.72 -10.55
N MET B 124 -15.93 -23.94 -10.24
CA MET B 124 -15.71 -25.03 -11.19
C MET B 124 -16.52 -24.82 -12.47
N PRO B 125 -17.81 -24.47 -12.42
CA PRO B 125 -18.50 -24.13 -13.69
C PRO B 125 -17.78 -23.05 -14.48
N MET B 126 -17.16 -22.07 -13.80
CA MET B 126 -16.41 -21.04 -14.52
C MET B 126 -15.19 -21.63 -15.21
N ILE B 127 -14.37 -22.37 -14.45
CA ILE B 127 -13.18 -23.03 -15.00
C ILE B 127 -13.55 -23.92 -16.18
N HIS B 128 -14.65 -24.66 -16.06
CA HIS B 128 -15.01 -25.61 -17.11
C HIS B 128 -15.49 -24.94 -18.41
N LEU B 129 -15.73 -23.63 -18.42
CA LEU B 129 -15.96 -22.94 -19.69
C LEU B 129 -14.73 -22.97 -20.57
N ARG B 130 -13.54 -23.05 -19.97
CA ARG B 130 -12.26 -23.08 -20.68
C ARG B 130 -12.07 -21.83 -21.53
N LYS B 131 -12.47 -20.67 -21.00
CA LYS B 131 -12.26 -19.44 -21.73
C LYS B 131 -11.89 -18.29 -20.80
N GLY B 132 -11.20 -18.57 -19.70
CA GLY B 132 -10.87 -17.54 -18.74
C GLY B 132 -12.10 -17.14 -17.95
N GLY B 133 -12.05 -15.96 -17.37
CA GLY B 133 -13.16 -15.53 -16.53
C GLY B 133 -12.81 -14.25 -15.83
N ARG B 134 -13.81 -13.73 -15.10
CA ARG B 134 -13.69 -12.45 -14.41
C ARG B 134 -14.40 -12.55 -13.06
N ILE B 135 -13.70 -12.20 -12.00
CA ILE B 135 -14.32 -12.03 -10.68
C ILE B 135 -13.95 -10.64 -10.18
N VAL B 136 -14.96 -9.88 -9.75
CA VAL B 136 -14.73 -8.55 -9.21
C VAL B 136 -15.46 -8.44 -7.89
N THR B 137 -14.75 -8.06 -6.83
CA THR B 137 -15.40 -7.79 -5.55
C THR B 137 -15.50 -6.28 -5.33
N LEU B 138 -16.51 -5.87 -4.56
CA LEU B 138 -16.69 -4.46 -4.21
C LEU B 138 -16.24 -4.28 -2.77
N SER B 139 -15.13 -3.56 -2.56
CA SER B 139 -14.71 -3.27 -1.20
C SER B 139 -15.09 -1.83 -0.87
N SER B 140 -14.19 -1.08 -0.25
CA SER B 140 -14.50 0.28 0.15
C SER B 140 -13.20 0.96 0.56
N VAL B 141 -13.19 2.29 0.49
CA VAL B 141 -12.07 3.02 1.07
C VAL B 141 -11.88 2.60 2.53
N SER B 142 -12.97 2.28 3.23
CA SER B 142 -12.87 1.85 4.63
C SER B 142 -12.12 0.55 4.78
N GLY B 143 -12.18 -0.32 3.78
CA GLY B 143 -11.43 -1.57 3.86
C GLY B 143 -9.96 -1.38 3.64
N ILE B 144 -9.56 -0.24 3.10
CA ILE B 144 -8.15 0.07 2.92
C ILE B 144 -7.58 0.80 4.12
N MET B 145 -8.31 1.78 4.65
CA MET B 145 -7.77 2.70 5.64
CA MET B 145 -7.76 2.67 5.65
C MET B 145 -8.48 2.66 6.98
N GLY B 146 -9.64 2.01 7.08
CA GLY B 146 -10.45 2.08 8.28
C GLY B 146 -11.28 3.36 8.33
N ASN B 147 -12.35 3.31 9.12
CA ASN B 147 -13.22 4.47 9.29
C ASN B 147 -13.87 4.40 10.66
N ARG B 148 -13.97 5.56 11.32
CA ARG B 148 -14.65 5.63 12.61
C ARG B 148 -16.11 5.22 12.46
N GLY B 149 -16.62 4.51 13.48
CA GLY B 149 -17.97 4.01 13.42
C GLY B 149 -18.17 2.83 12.49
N GLN B 150 -17.10 2.26 11.95
CA GLN B 150 -17.20 1.16 10.99
C GLN B 150 -16.11 0.13 11.23
N VAL B 151 -15.84 -0.22 12.49
CA VAL B 151 -14.85 -1.25 12.71
C VAL B 151 -15.31 -2.56 12.07
N ASN B 152 -16.62 -2.84 12.11
CA ASN B 152 -17.15 -4.05 11.49
C ASN B 152 -17.06 -3.97 9.97
N TYR B 153 -17.49 -2.84 9.41
CA TYR B 153 -17.47 -2.72 7.95
C TYR B 153 -16.05 -2.66 7.39
N SER B 154 -15.14 -1.97 8.08
CA SER B 154 -13.74 -1.94 7.64
C SER B 154 -13.12 -3.33 7.65
N ALA B 155 -13.37 -4.10 8.71
CA ALA B 155 -12.93 -5.50 8.75
C ALA B 155 -13.52 -6.30 7.61
N ALA B 156 -14.83 -6.14 7.37
CA ALA B 156 -15.48 -6.93 6.33
C ALA B 156 -14.91 -6.58 4.96
N LYS B 157 -14.75 -5.30 4.68
CA LYS B 157 -14.25 -4.89 3.37
C LYS B 157 -12.74 -5.14 3.20
N ALA B 158 -11.96 -5.03 4.28
CA ALA B 158 -10.55 -5.39 4.20
C ALA B 158 -10.38 -6.90 4.00
N GLY B 159 -11.20 -7.70 4.70
CA GLY B 159 -11.16 -9.14 4.49
C GLY B 159 -11.44 -9.52 3.04
N LEU B 160 -12.37 -8.80 2.42
CA LEU B 160 -12.67 -9.05 1.01
C LEU B 160 -11.45 -8.83 0.14
N ILE B 161 -10.63 -7.82 0.46
CA ILE B 161 -9.43 -7.55 -0.33
C ILE B 161 -8.45 -8.72 -0.22
N GLY B 162 -8.25 -9.22 1.00
CA GLY B 162 -7.34 -10.34 1.18
C GLY B 162 -7.82 -11.59 0.45
N ALA B 163 -9.13 -11.87 0.52
CA ALA B 163 -9.69 -12.99 -0.21
C ALA B 163 -9.49 -12.83 -1.71
N THR B 164 -9.75 -11.62 -2.22
CA THR B 164 -9.63 -11.35 -3.65
C THR B 164 -8.20 -11.58 -4.13
N LYS B 165 -7.22 -11.05 -3.40
CA LYS B 165 -5.82 -11.19 -3.83
C LYS B 165 -5.39 -12.64 -3.81
N ALA B 166 -5.75 -13.38 -2.77
CA ALA B 166 -5.34 -14.78 -2.72
C ALA B 166 -6.01 -15.58 -3.82
N LEU B 167 -7.29 -15.32 -4.09
CA LEU B 167 -7.95 -16.07 -5.17
C LEU B 167 -7.39 -15.71 -6.53
N ALA B 168 -6.97 -14.45 -6.73
CA ALA B 168 -6.31 -14.09 -7.98
C ALA B 168 -5.08 -14.97 -8.23
N LEU B 169 -4.31 -15.24 -7.17
CA LEU B 169 -3.13 -16.07 -7.31
C LEU B 169 -3.50 -17.49 -7.72
N GLU B 170 -4.56 -18.04 -7.12
CA GLU B 170 -4.98 -19.41 -7.43
C GLU B 170 -5.54 -19.55 -8.84
N LEU B 171 -6.25 -18.54 -9.34
CA LEU B 171 -6.96 -18.66 -10.61
C LEU B 171 -6.19 -18.13 -11.80
N ALA B 172 -5.04 -17.48 -11.58
CA ALA B 172 -4.32 -16.85 -12.68
C ALA B 172 -3.98 -17.86 -13.77
N LYS B 173 -3.63 -19.09 -13.39
CA LYS B 173 -3.26 -20.09 -14.39
C LYS B 173 -4.44 -20.46 -15.29
N ARG B 174 -5.67 -20.23 -14.84
CA ARG B 174 -6.84 -20.48 -15.67
C ARG B 174 -7.30 -19.24 -16.45
N LYS B 175 -6.49 -18.18 -16.46
CA LYS B 175 -6.82 -16.92 -17.14
C LYS B 175 -8.11 -16.29 -16.61
N ILE B 176 -8.40 -16.54 -15.34
CA ILE B 176 -9.48 -15.85 -14.64
C ILE B 176 -8.82 -14.74 -13.82
N THR B 177 -9.12 -13.48 -14.13
CA THR B 177 -8.59 -12.39 -13.34
C THR B 177 -9.52 -12.14 -12.16
N VAL B 178 -8.95 -11.73 -11.04
CA VAL B 178 -9.71 -11.49 -9.82
C VAL B 178 -9.25 -10.15 -9.27
N ASN B 179 -10.15 -9.19 -9.20
CA ASN B 179 -9.81 -7.85 -8.78
C ASN B 179 -10.88 -7.32 -7.84
N CYS B 180 -10.54 -6.23 -7.18
CA CYS B 180 -11.39 -5.54 -6.23
C CYS B 180 -11.53 -4.09 -6.69
N VAL B 181 -12.74 -3.55 -6.58
CA VAL B 181 -13.00 -2.12 -6.76
C VAL B 181 -13.40 -1.55 -5.43
N ALA B 182 -12.76 -0.46 -5.00
CA ALA B 182 -12.98 0.12 -3.69
C ALA B 182 -13.51 1.54 -3.85
N PRO B 183 -14.83 1.72 -3.84
CA PRO B 183 -15.38 3.06 -4.00
C PRO B 183 -15.15 3.91 -2.76
N GLY B 184 -15.11 5.22 -2.97
CA GLY B 184 -15.20 6.15 -1.87
C GLY B 184 -16.65 6.46 -1.58
N LEU B 185 -17.00 7.73 -1.42
CA LEU B 185 -18.36 8.11 -1.07
C LEU B 185 -19.18 8.29 -2.35
N ILE B 186 -20.18 7.42 -2.53
CA ILE B 186 -20.97 7.36 -3.74
C ILE B 186 -22.39 7.81 -3.42
N GLU B 187 -22.97 8.62 -4.30
CA GLU B 187 -24.36 9.04 -4.16
C GLU B 187 -25.28 7.91 -4.64
N THR B 188 -26.04 7.31 -3.72
CA THR B 188 -27.02 6.30 -4.08
C THR B 188 -28.46 6.68 -3.75
N GLU B 189 -28.70 7.53 -2.76
CA GLU B 189 -30.05 7.96 -2.42
C GLU B 189 -30.21 9.47 -2.65
N VAL B 195 -24.33 16.34 4.38
CA VAL B 195 -23.51 15.31 3.75
C VAL B 195 -22.87 15.87 2.49
N LYS B 196 -23.69 16.51 1.64
CA LYS B 196 -23.17 17.11 0.42
C LYS B 196 -22.07 18.13 0.70
N GLU B 197 -22.17 18.84 1.83
CA GLU B 197 -21.12 19.80 2.18
C GLU B 197 -19.87 19.13 2.73
N HIS B 198 -20.02 17.98 3.40
CA HIS B 198 -18.85 17.21 3.80
C HIS B 198 -18.09 16.68 2.59
N ALA B 199 -18.80 16.39 1.50
CA ALA B 199 -18.12 15.94 0.29
C ALA B 199 -17.24 17.04 -0.28
N LEU B 200 -17.73 18.28 -0.27
CA LEU B 200 -16.98 19.39 -0.85
C LEU B 200 -15.69 19.66 -0.08
N LYS B 201 -15.69 19.38 1.23
CA LYS B 201 -14.53 19.65 2.08
C LYS B 201 -13.51 18.53 2.08
N MET B 202 -13.93 17.26 2.02
CA MET B 202 -13.01 16.16 2.28
C MET B 202 -12.50 15.44 1.03
N ILE B 203 -13.19 15.55 -0.10
CA ILE B 203 -12.86 14.79 -1.30
C ILE B 203 -12.18 15.74 -2.29
N PRO B 204 -10.97 15.44 -2.77
CA PRO B 204 -10.32 16.36 -3.72
C PRO B 204 -11.21 16.75 -4.89
N LEU B 205 -12.01 15.84 -5.43
CA LEU B 205 -12.89 16.24 -6.51
C LEU B 205 -14.11 17.03 -6.02
N GLN B 206 -14.29 17.18 -4.71
CA GLN B 206 -15.27 18.10 -4.12
C GLN B 206 -16.70 17.65 -4.34
N ARG B 207 -16.92 16.35 -4.54
CA ARG B 207 -18.27 15.85 -4.76
C ARG B 207 -18.26 14.35 -4.52
N MET B 208 -19.45 13.81 -4.26
CA MET B 208 -19.63 12.38 -4.21
C MET B 208 -19.55 11.78 -5.62
N GLY B 209 -19.21 10.50 -5.68
CA GLY B 209 -19.23 9.80 -6.95
C GLY B 209 -20.65 9.40 -7.35
N GLN B 210 -20.86 9.21 -8.65
CA GLN B 210 -22.11 8.68 -9.14
C GLN B 210 -21.96 7.18 -9.43
N VAL B 211 -23.10 6.47 -9.41
CA VAL B 211 -23.03 5.01 -9.49
C VAL B 211 -22.35 4.56 -10.78
N ASP B 212 -22.56 5.30 -11.87
CA ASP B 212 -21.92 4.88 -13.12
C ASP B 212 -20.42 5.07 -13.09
N GLU B 213 -19.92 5.99 -12.25
CA GLU B 213 -18.48 6.16 -12.14
C GLU B 213 -17.83 4.94 -11.50
N VAL B 214 -18.56 4.25 -10.62
CA VAL B 214 -18.07 2.98 -10.08
C VAL B 214 -18.27 1.87 -11.09
N ALA B 215 -19.46 1.82 -11.68
CA ALA B 215 -19.78 0.73 -12.61
C ALA B 215 -18.81 0.70 -13.80
N SER B 216 -18.35 1.87 -14.23
CA SER B 216 -17.45 1.92 -15.38
C SER B 216 -16.12 1.20 -15.11
N VAL B 217 -15.63 1.29 -13.87
CA VAL B 217 -14.42 0.57 -13.51
C VAL B 217 -14.67 -0.93 -13.49
N VAL B 218 -15.79 -1.35 -12.92
CA VAL B 218 -16.12 -2.78 -12.91
C VAL B 218 -16.24 -3.29 -14.34
N LYS B 219 -16.97 -2.55 -15.17
CA LYS B 219 -17.12 -2.93 -16.58
C LYS B 219 -15.76 -3.06 -17.26
N PHE B 220 -14.87 -2.08 -17.05
CA PHE B 220 -13.54 -2.17 -17.64
C PHE B 220 -12.82 -3.45 -17.20
N LEU B 221 -12.85 -3.76 -15.91
CA LEU B 221 -12.14 -4.95 -15.42
C LEU B 221 -12.73 -6.22 -16.01
N CYS B 222 -14.04 -6.24 -16.27
CA CYS B 222 -14.68 -7.41 -16.87
C CYS B 222 -14.40 -7.53 -18.37
N SER B 223 -13.87 -6.49 -19.00
CA SER B 223 -13.65 -6.51 -20.45
C SER B 223 -12.44 -7.36 -20.81
N ASP B 224 -12.40 -7.82 -22.06
CA ASP B 224 -11.26 -8.59 -22.53
C ASP B 224 -9.99 -7.75 -22.53
N GLU B 225 -10.12 -6.42 -22.61
CA GLU B 225 -8.96 -5.55 -22.65
C GLU B 225 -8.19 -5.53 -21.33
N ALA B 226 -8.85 -5.85 -20.21
CA ALA B 226 -8.22 -5.85 -18.90
C ALA B 226 -7.57 -7.20 -18.54
N SER B 227 -7.10 -7.96 -19.54
CA SER B 227 -6.62 -9.32 -19.34
C SER B 227 -5.31 -9.40 -18.55
N TYR B 228 -4.56 -8.31 -18.41
CA TYR B 228 -3.31 -8.37 -17.66
C TYR B 228 -3.42 -7.72 -16.29
N VAL B 229 -4.63 -7.37 -15.88
CA VAL B 229 -4.88 -6.76 -14.58
C VAL B 229 -5.47 -7.84 -13.68
N THR B 230 -4.75 -8.21 -12.62
CA THR B 230 -5.30 -9.15 -11.65
C THR B 230 -4.58 -8.95 -10.33
N ARG B 231 -5.27 -9.33 -9.25
CA ARG B 231 -4.78 -9.18 -7.87
C ARG B 231 -4.81 -7.72 -7.41
N GLN B 232 -5.57 -6.87 -8.09
CA GLN B 232 -5.52 -5.43 -7.83
C GLN B 232 -6.71 -4.95 -7.02
N VAL B 233 -6.49 -3.90 -6.24
CA VAL B 233 -7.56 -3.12 -5.61
C VAL B 233 -7.56 -1.76 -6.28
N ILE B 234 -8.58 -1.47 -7.06
CA ILE B 234 -8.63 -0.21 -7.78
C ILE B 234 -9.62 0.71 -7.07
N SER B 235 -9.13 1.85 -6.59
CA SER B 235 -9.93 2.80 -5.80
C SER B 235 -10.61 3.81 -6.73
N VAL B 236 -11.91 3.99 -6.54
CA VAL B 236 -12.74 4.94 -7.27
C VAL B 236 -13.31 5.91 -6.25
N ASN B 237 -12.54 6.92 -5.88
CA ASN B 237 -12.85 7.64 -4.64
C ASN B 237 -12.63 9.14 -4.77
N GLY B 238 -12.45 9.68 -5.98
CA GLY B 238 -12.31 11.10 -6.12
C GLY B 238 -11.05 11.69 -5.53
N GLY B 239 -10.04 10.86 -5.28
CA GLY B 239 -8.80 11.32 -4.68
C GLY B 239 -8.70 11.19 -3.18
N LEU B 240 -9.70 10.58 -2.53
CA LEU B 240 -9.73 10.55 -1.06
C LEU B 240 -8.47 9.90 -0.50
N ILE B 241 -8.06 8.77 -1.08
CA ILE B 241 -6.73 8.17 -0.82
C ILE B 241 -6.17 7.57 -2.10
N THR C 2 -12.15 19.26 -30.93
CA THR C 2 -11.73 17.91 -30.56
C THR C 2 -10.60 17.96 -29.54
N ARG C 3 -10.75 17.17 -28.47
CA ARG C 3 -9.73 17.14 -27.44
C ARG C 3 -8.46 16.44 -27.94
N ARG C 4 -7.32 17.05 -27.66
CA ARG C 4 -6.02 16.59 -28.13
C ARG C 4 -5.17 16.09 -26.97
N ILE C 5 -4.45 14.99 -27.18
CA ILE C 5 -3.61 14.39 -26.15
C ILE C 5 -2.19 14.26 -26.67
N LEU C 6 -1.22 14.65 -25.86
CA LEU C 6 0.19 14.40 -26.12
C LEU C 6 0.60 13.09 -25.47
N VAL C 7 1.23 12.21 -26.24
CA VAL C 7 1.80 10.97 -25.71
C VAL C 7 3.29 11.00 -25.97
N THR C 8 4.10 11.09 -24.92
CA THR C 8 5.54 11.11 -25.14
C THR C 8 6.05 9.71 -25.47
N GLY C 9 7.13 9.65 -26.23
CA GLY C 9 7.71 8.37 -26.63
C GLY C 9 6.72 7.45 -27.32
N SER C 10 5.97 7.98 -28.28
CA SER C 10 4.89 7.22 -28.91
C SER C 10 5.24 6.77 -30.33
N SER C 11 6.51 6.80 -30.71
CA SER C 11 6.89 6.29 -32.01
C SER C 11 6.94 4.76 -32.06
N ARG C 12 7.00 4.09 -30.91
CA ARG C 12 7.04 2.63 -30.87
C ARG C 12 6.65 2.18 -29.47
N GLY C 13 6.52 0.86 -29.31
CA GLY C 13 6.34 0.26 -28.00
C GLY C 13 5.03 0.64 -27.33
N ILE C 14 5.08 0.75 -25.99
CA ILE C 14 3.86 1.05 -25.24
C ILE C 14 3.28 2.38 -25.67
N GLY C 15 4.13 3.39 -25.87
CA GLY C 15 3.64 4.71 -26.21
C GLY C 15 2.88 4.71 -27.53
N LYS C 16 3.39 3.98 -28.52
CA LYS C 16 2.67 3.87 -29.78
C LYS C 16 1.31 3.23 -29.58
N ALA C 17 1.25 2.17 -28.78
CA ALA C 17 -0.02 1.49 -28.55
C ALA C 17 -1.02 2.42 -27.87
N ILE C 18 -0.53 3.21 -26.90
CA ILE C 18 -1.37 4.22 -26.26
C ILE C 18 -1.90 5.22 -27.28
N ALA C 19 -1.00 5.76 -28.11
CA ALA C 19 -1.42 6.77 -29.08
C ALA C 19 -2.49 6.22 -30.02
N LEU C 20 -2.31 4.99 -30.50
CA LEU C 20 -3.30 4.40 -31.40
C LEU C 20 -4.64 4.17 -30.70
N GLN C 21 -4.61 3.68 -29.46
CA GLN C 21 -5.86 3.43 -28.75
C GLN C 21 -6.61 4.73 -28.46
N LEU C 22 -5.87 5.78 -28.14
CA LEU C 22 -6.52 7.07 -27.88
C LEU C 22 -7.14 7.64 -29.15
N ALA C 23 -6.47 7.45 -30.30
CA ALA C 23 -7.05 7.93 -31.54
C ALA C 23 -8.34 7.17 -31.87
N LYS C 24 -8.33 5.85 -31.66
CA LYS C 24 -9.53 5.07 -31.92
C LYS C 24 -10.67 5.47 -31.00
N ALA C 25 -10.35 5.96 -29.80
CA ALA C 25 -11.35 6.46 -28.89
C ALA C 25 -11.89 7.83 -29.28
N GLY C 26 -11.31 8.48 -30.29
CA GLY C 26 -11.85 9.74 -30.77
C GLY C 26 -11.03 10.96 -30.43
N PHE C 27 -9.88 10.80 -29.80
CA PHE C 27 -9.00 11.94 -29.52
C PHE C 27 -8.11 12.25 -30.71
N ASP C 28 -7.79 13.54 -30.87
CA ASP C 28 -6.63 13.93 -31.66
C ASP C 28 -5.38 13.66 -30.84
N VAL C 29 -4.33 13.17 -31.49
CA VAL C 29 -3.16 12.66 -30.77
C VAL C 29 -1.91 13.21 -31.41
N THR C 30 -1.08 13.88 -30.60
CA THR C 30 0.23 14.36 -31.01
C THR C 30 1.29 13.34 -30.61
N VAL C 31 2.05 12.86 -31.59
CA VAL C 31 3.09 11.87 -31.36
C VAL C 31 4.38 12.57 -30.93
N HIS C 32 5.23 11.83 -30.22
CA HIS C 32 6.51 12.38 -29.79
C HIS C 32 7.59 11.31 -29.85
N ALA C 33 8.81 11.74 -30.13
CA ALA C 33 9.98 10.86 -30.05
C ALA C 33 11.22 11.71 -29.80
N ARG C 34 12.27 11.06 -29.29
CA ARG C 34 13.53 11.76 -29.10
C ARG C 34 14.27 11.92 -30.42
N SER C 35 14.46 10.82 -31.16
CA SER C 35 15.25 10.86 -32.38
C SER C 35 14.67 10.07 -33.55
N ARG C 36 13.77 9.12 -33.33
CA ARG C 36 13.31 8.22 -34.39
C ARG C 36 12.21 8.91 -35.20
N GLN C 37 12.64 9.84 -36.05
CA GLN C 37 11.71 10.71 -36.77
C GLN C 37 10.86 9.92 -37.76
N ALA C 38 11.46 8.95 -38.47
CA ALA C 38 10.70 8.20 -39.45
C ALA C 38 9.63 7.33 -38.80
N GLU C 39 9.97 6.70 -37.66
CA GLU C 39 8.97 5.93 -36.93
C GLU C 39 7.82 6.81 -36.47
N ALA C 40 8.12 8.02 -35.98
CA ALA C 40 7.07 8.93 -35.53
C ALA C 40 6.13 9.29 -36.67
N GLU C 41 6.68 9.57 -37.86
CA GLU C 41 5.81 9.94 -38.98
C GLU C 41 4.89 8.78 -39.35
N GLN C 42 5.34 7.54 -39.23
CA GLN C 42 4.49 6.40 -39.53
C GLN C 42 3.31 6.32 -38.56
N VAL C 43 3.55 6.59 -37.27
CA VAL C 43 2.45 6.58 -36.31
C VAL C 43 1.46 7.69 -36.64
N VAL C 44 1.96 8.87 -36.97
CA VAL C 44 1.10 10.00 -37.35
C VAL C 44 0.20 9.61 -38.50
N GLN C 45 0.75 8.94 -39.52
CA GLN C 45 -0.04 8.55 -40.69
C GLN C 45 -1.11 7.54 -40.31
N GLU C 46 -0.78 6.59 -39.43
CA GLU C 46 -1.77 5.63 -38.94
C GLU C 46 -2.92 6.34 -38.22
N ILE C 47 -2.60 7.34 -37.41
CA ILE C 47 -3.63 8.06 -36.68
C ILE C 47 -4.50 8.87 -37.65
N GLN C 48 -3.87 9.52 -38.62
CA GLN C 48 -4.65 10.22 -39.65
C GLN C 48 -5.58 9.27 -40.39
N ALA C 49 -5.06 8.08 -40.77
CA ALA C 49 -5.91 7.08 -41.42
C ALA C 49 -7.07 6.66 -40.55
N LEU C 50 -6.88 6.66 -39.22
CA LEU C 50 -8.00 6.35 -38.31
C LEU C 50 -9.02 7.47 -38.26
N GLY C 51 -8.72 8.64 -38.81
CA GLY C 51 -9.67 9.71 -38.87
C GLY C 51 -9.47 10.82 -37.86
N GLN C 52 -8.30 10.91 -37.23
CA GLN C 52 -8.02 11.98 -36.28
C GLN C 52 -6.85 12.82 -36.78
N ASN C 53 -6.75 14.03 -36.25
CA ASN C 53 -5.63 14.90 -36.55
C ASN C 53 -4.40 14.49 -35.75
N SER C 54 -3.24 14.55 -36.38
CA SER C 54 -2.01 14.14 -35.72
C SER C 54 -0.81 14.81 -36.38
N HIS C 55 0.22 15.02 -35.56
CA HIS C 55 1.54 15.42 -36.02
C HIS C 55 2.51 15.01 -34.92
N TYR C 56 3.80 15.12 -35.20
CA TYR C 56 4.79 14.68 -34.22
C TYR C 56 5.64 15.85 -33.72
N LEU C 57 6.21 15.65 -32.52
CA LEU C 57 7.17 16.58 -31.93
C LEU C 57 8.42 15.80 -31.54
N MET C 58 9.58 16.41 -31.72
CA MET C 58 10.86 15.76 -31.44
C MET C 58 11.58 16.53 -30.34
N PHE C 59 11.86 15.86 -29.23
CA PHE C 59 12.72 16.47 -28.21
C PHE C 59 13.16 15.43 -27.21
N ASP C 60 14.29 15.74 -26.56
CA ASP C 60 14.76 15.02 -25.39
C ASP C 60 14.09 15.64 -24.17
N VAL C 61 13.36 14.83 -23.40
CA VAL C 61 12.62 15.39 -22.27
C VAL C 61 13.55 16.04 -21.25
N ASN C 62 14.86 15.74 -21.30
CA ASN C 62 15.81 16.36 -20.39
C ASN C 62 16.24 17.75 -20.83
N GLU C 63 15.95 18.16 -22.07
CA GLU C 63 16.41 19.46 -22.58
C GLU C 63 15.38 20.50 -22.19
N ARG C 64 15.52 21.03 -20.97
CA ARG C 64 14.43 21.76 -20.33
C ARG C 64 13.94 22.94 -21.17
N GLN C 65 14.83 23.85 -21.57
CA GLN C 65 14.37 25.04 -22.27
C GLN C 65 13.91 24.71 -23.70
N THR C 66 14.54 23.72 -24.35
CA THR C 66 14.11 23.29 -25.67
C THR C 66 12.69 22.74 -25.64
N VAL C 67 12.39 21.89 -24.65
CA VAL C 67 11.04 21.36 -24.49
C VAL C 67 10.04 22.49 -24.29
N GLN C 68 10.39 23.46 -23.44
CA GLN C 68 9.46 24.56 -23.17
C GLN C 68 9.13 25.33 -24.44
N GLN C 69 10.15 25.63 -25.25
CA GLN C 69 9.94 26.38 -26.49
C GLN C 69 9.09 25.59 -27.47
N ILE C 70 9.37 24.29 -27.62
CA ILE C 70 8.61 23.48 -28.56
C ILE C 70 7.15 23.38 -28.14
N LEU C 71 6.92 23.13 -26.84
CA LEU C 71 5.55 22.95 -26.37
C LEU C 71 4.76 24.26 -26.40
N GLU C 72 5.41 25.37 -26.03
CA GLU C 72 4.74 26.67 -26.10
C GLU C 72 4.31 26.99 -27.52
N GLN C 73 5.21 26.79 -28.49
CA GLN C 73 4.87 27.01 -29.88
C GLN C 73 3.75 26.07 -30.32
N ASP C 74 3.80 24.81 -29.89
CA ASP C 74 2.79 23.84 -30.32
C ASP C 74 1.42 24.21 -29.77
N VAL C 75 1.35 24.66 -28.52
CA VAL C 75 0.07 25.06 -27.97
C VAL C 75 -0.42 26.34 -28.63
N GLU C 76 0.49 27.24 -28.99
CA GLU C 76 0.11 28.42 -29.74
C GLU C 76 -0.57 28.05 -31.05
N GLN C 77 -0.02 27.07 -31.76
CA GLN C 77 -0.51 26.75 -33.10
C GLN C 77 -1.73 25.85 -33.07
N HIS C 78 -1.80 24.92 -32.12
CA HIS C 78 -2.84 23.89 -32.13
C HIS C 78 -3.71 23.87 -30.88
N GLY C 79 -3.52 24.80 -29.95
CA GLY C 79 -4.34 24.85 -28.76
C GLY C 79 -3.79 23.97 -27.65
N GLY C 80 -4.28 24.22 -26.44
CA GLY C 80 -3.84 23.43 -25.30
C GLY C 80 -4.18 21.97 -25.45
N PHE C 81 -3.39 21.13 -24.78
CA PHE C 81 -3.69 19.70 -24.71
C PHE C 81 -4.75 19.45 -23.65
N TYR C 82 -5.77 18.67 -24.00
CA TYR C 82 -6.68 18.15 -22.99
C TYR C 82 -6.02 17.07 -22.13
N GLY C 83 -5.11 16.29 -22.70
CA GLY C 83 -4.50 15.18 -21.98
C GLY C 83 -3.02 15.13 -22.25
N VAL C 84 -2.28 14.59 -21.28
CA VAL C 84 -0.87 14.29 -21.46
C VAL C 84 -0.59 12.92 -20.86
N VAL C 85 0.03 12.05 -21.65
CA VAL C 85 0.51 10.77 -21.17
C VAL C 85 2.03 10.85 -21.12
N LEU C 86 2.58 10.86 -19.91
CA LEU C 86 4.01 10.97 -19.69
C LEU C 86 4.60 9.56 -19.72
N ASN C 87 5.18 9.20 -20.85
CA ASN C 87 5.85 7.91 -21.03
C ASN C 87 7.33 8.23 -21.27
N ALA C 88 8.07 8.41 -20.18
CA ALA C 88 9.45 8.89 -20.25
C ALA C 88 10.25 8.15 -19.20
N GLY C 89 11.12 7.24 -19.65
CA GLY C 89 11.85 6.40 -18.74
C GLY C 89 13.11 5.91 -19.39
N LEU C 90 14.06 5.54 -18.54
CA LEU C 90 15.36 5.07 -19.00
C LEU C 90 15.95 4.23 -17.87
N THR C 91 16.54 3.10 -18.23
CA THR C 91 17.24 2.26 -17.28
C THR C 91 18.75 2.32 -17.52
N HIS C 92 19.50 2.17 -16.43
CA HIS C 92 20.96 1.97 -16.43
C HIS C 92 21.23 1.03 -15.26
N ASP C 93 21.03 -0.26 -15.50
CA ASP C 93 21.07 -1.25 -14.43
C ASP C 93 22.49 -1.46 -13.92
N GLY C 94 22.59 -1.82 -12.65
CA GLY C 94 23.86 -2.15 -12.04
C GLY C 94 23.76 -2.20 -10.53
N ALA C 95 24.62 -2.97 -9.87
CA ALA C 95 24.67 -2.93 -8.41
C ALA C 95 24.90 -1.48 -7.98
N PHE C 96 24.24 -1.09 -6.89
CA PHE C 96 24.26 0.32 -6.48
C PHE C 96 25.67 0.88 -6.30
N PRO C 97 26.58 0.24 -5.58
CA PRO C 97 27.93 0.81 -5.46
C PRO C 97 28.72 0.81 -6.76
N ALA C 98 28.22 0.14 -7.80
CA ALA C 98 28.88 0.11 -9.10
C ALA C 98 28.31 1.12 -10.09
N LEU C 99 27.21 1.79 -9.76
CA LEU C 99 26.63 2.75 -10.70
C LEU C 99 27.54 3.95 -10.87
N THR C 100 27.68 4.39 -12.12
CA THR C 100 28.38 5.62 -12.41
C THR C 100 27.49 6.84 -12.19
N ASP C 101 28.11 8.02 -12.18
CA ASP C 101 27.35 9.26 -12.09
C ASP C 101 26.31 9.34 -13.20
N GLN C 102 26.69 8.94 -14.41
CA GLN C 102 25.76 8.96 -15.53
C GLN C 102 24.67 7.91 -15.39
N ASP C 103 25.02 6.71 -14.89
CA ASP C 103 24.01 5.70 -14.61
C ASP C 103 22.92 6.27 -13.70
N TRP C 104 23.33 6.98 -12.65
CA TRP C 104 22.39 7.52 -11.69
C TRP C 104 21.63 8.70 -12.28
N ASP C 105 22.36 9.73 -12.72
CA ASP C 105 21.75 11.01 -13.06
C ASP C 105 20.82 10.90 -14.26
N GLU C 106 21.23 10.18 -15.30
CA GLU C 106 20.37 10.06 -16.48
C GLU C 106 19.05 9.38 -16.16
N VAL C 107 19.06 8.41 -15.24
CA VAL C 107 17.82 7.70 -14.93
C VAL C 107 16.90 8.57 -14.09
N ILE C 108 17.42 9.18 -13.02
CA ILE C 108 16.61 10.10 -12.21
C ILE C 108 16.01 11.20 -13.07
N SER C 109 16.85 11.85 -13.90
CA SER C 109 16.39 13.06 -14.58
C SER C 109 15.38 12.73 -15.68
N THR C 110 15.60 11.64 -16.43
CA THR C 110 14.67 11.31 -17.51
C THR C 110 13.23 11.22 -17.00
N SER C 111 13.05 10.64 -15.81
CA SER C 111 11.70 10.52 -15.24
C SER C 111 11.26 11.81 -14.56
N LEU C 112 12.07 12.34 -13.65
CA LEU C 112 11.66 13.47 -12.82
C LEU C 112 11.87 14.82 -13.49
N ASP C 113 13.02 15.06 -14.14
CA ASP C 113 13.11 16.26 -14.98
C ASP C 113 12.09 16.20 -16.10
N GLY C 114 11.83 15.00 -16.64
CA GLY C 114 10.88 14.87 -17.72
C GLY C 114 9.46 15.25 -17.29
N PHE C 115 9.09 14.86 -16.07
CA PHE C 115 7.80 15.27 -15.50
C PHE C 115 7.70 16.79 -15.45
N TYR C 116 8.72 17.43 -14.89
CA TYR C 116 8.72 18.88 -14.75
C TYR C 116 8.77 19.56 -16.12
N ASN C 117 9.67 19.09 -16.99
CA ASN C 117 9.94 19.79 -18.25
C ASN C 117 8.77 19.70 -19.22
N VAL C 118 8.07 18.57 -19.22
CA VAL C 118 6.94 18.39 -20.13
C VAL C 118 5.65 18.96 -19.55
N LEU C 119 5.39 18.73 -18.26
CA LEU C 119 4.07 19.08 -17.72
C LEU C 119 3.96 20.56 -17.34
N LYS C 120 5.03 21.16 -16.82
CA LYS C 120 4.96 22.55 -16.41
C LYS C 120 4.48 23.49 -17.51
N PRO C 121 4.97 23.41 -18.75
CA PRO C 121 4.44 24.28 -19.81
C PRO C 121 3.01 23.96 -20.20
N LEU C 122 2.46 22.81 -19.80
CA LEU C 122 1.17 22.38 -20.33
C LEU C 122 0.04 22.51 -19.33
N ILE C 123 0.32 22.75 -18.05
CA ILE C 123 -0.74 22.76 -17.05
C ILE C 123 -1.72 23.90 -17.29
N MET C 124 -1.21 25.14 -17.41
CA MET C 124 -2.13 26.26 -17.58
C MET C 124 -2.92 26.18 -18.89
N PRO C 125 -2.30 25.87 -20.04
CA PRO C 125 -3.12 25.66 -21.25
C PRO C 125 -4.19 24.60 -21.09
N MET C 126 -3.92 23.54 -20.33
CA MET C 126 -4.96 22.55 -20.09
C MET C 126 -6.09 23.16 -19.28
N ILE C 127 -5.75 23.87 -18.20
CA ILE C 127 -6.76 24.50 -17.34
C ILE C 127 -7.59 25.49 -18.14
N HIS C 128 -6.95 26.24 -19.04
CA HIS C 128 -7.65 27.26 -19.81
C HIS C 128 -8.67 26.66 -20.79
N LEU C 129 -8.59 25.36 -21.09
CA LEU C 129 -9.63 24.74 -21.90
C LEU C 129 -10.98 24.75 -21.20
N ARG C 130 -10.98 24.84 -19.86
CA ARG C 130 -12.20 24.84 -19.05
C ARG C 130 -13.09 23.63 -19.36
N LYS C 131 -12.43 22.49 -19.56
CA LYS C 131 -13.10 21.26 -19.96
C LYS C 131 -12.67 20.06 -19.13
N GLY C 132 -12.01 20.28 -17.99
CA GLY C 132 -11.35 19.18 -17.30
C GLY C 132 -10.07 18.79 -18.03
N GLY C 133 -9.62 17.57 -17.77
CA GLY C 133 -8.41 17.10 -18.42
C GLY C 133 -7.98 15.77 -17.86
N ARG C 134 -6.88 15.25 -18.43
CA ARG C 134 -6.37 13.93 -18.10
C ARG C 134 -4.86 13.95 -18.14
N ILE C 135 -4.22 13.54 -17.04
CA ILE C 135 -2.77 13.32 -17.02
C ILE C 135 -2.53 11.90 -16.52
N VAL C 136 -1.76 11.14 -17.29
CA VAL C 136 -1.39 9.78 -16.91
C VAL C 136 0.12 9.66 -17.02
N THR C 137 0.76 9.23 -15.93
CA THR C 137 2.18 8.95 -15.96
C THR C 137 2.41 7.44 -15.99
N LEU C 138 3.52 7.03 -16.60
CA LEU C 138 3.87 5.62 -16.68
C LEU C 138 5.01 5.37 -15.69
N SER C 139 4.72 4.60 -14.64
CA SER C 139 5.76 4.22 -13.69
C SER C 139 6.17 2.77 -13.95
N SER C 140 6.34 2.00 -12.89
CA SER C 140 6.79 0.62 -13.02
C SER C 140 6.57 -0.07 -11.68
N VAL C 141 6.41 -1.40 -11.73
CA VAL C 141 6.36 -2.17 -10.49
C VAL C 141 7.61 -1.89 -9.63
N SER C 142 8.76 -1.63 -10.27
CA SER C 142 9.96 -1.29 -9.51
C SER C 142 9.81 -0.01 -8.70
N GLY C 143 9.03 0.95 -9.18
CA GLY C 143 8.78 2.14 -8.40
C GLY C 143 7.88 1.91 -7.19
N ILE C 144 7.19 0.78 -7.14
CA ILE C 144 6.34 0.44 -6.01
C ILE C 144 7.09 -0.41 -4.98
N MET C 145 7.89 -1.38 -5.42
CA MET C 145 8.50 -2.30 -4.47
CA MET C 145 8.50 -2.31 -4.48
C MET C 145 10.02 -2.35 -4.53
N GLY C 146 10.65 -1.65 -5.46
CA GLY C 146 12.09 -1.73 -5.63
C GLY C 146 12.50 -2.98 -6.38
N ASN C 147 13.70 -2.94 -6.94
CA ASN C 147 14.22 -4.07 -7.71
C ASN C 147 15.73 -4.07 -7.63
N ARG C 148 16.31 -5.25 -7.39
CA ARG C 148 17.77 -5.41 -7.39
C ARG C 148 18.38 -4.91 -8.69
N GLY C 149 19.56 -4.31 -8.59
CA GLY C 149 20.22 -3.73 -9.74
C GLY C 149 19.55 -2.51 -10.31
N GLN C 150 18.58 -1.94 -9.61
CA GLN C 150 17.79 -0.82 -10.15
C GLN C 150 17.47 0.16 -9.04
N VAL C 151 18.45 0.49 -8.21
CA VAL C 151 18.19 1.50 -7.19
C VAL C 151 17.86 2.83 -7.85
N ASN C 152 18.54 3.13 -8.97
CA ASN C 152 18.27 4.38 -9.67
C ASN C 152 16.88 4.37 -10.31
N TYR C 153 16.54 3.29 -11.01
CA TYR C 153 15.24 3.23 -11.69
C TYR C 153 14.09 3.18 -10.70
N SER C 154 14.28 2.46 -9.59
CA SER C 154 13.24 2.37 -8.57
C SER C 154 12.97 3.75 -7.97
N ALA C 155 14.05 4.50 -7.67
CA ALA C 155 13.88 5.85 -7.13
C ALA C 155 13.23 6.77 -8.15
N ALA C 156 13.59 6.63 -9.43
CA ALA C 156 13.00 7.47 -10.47
C ALA C 156 11.52 7.19 -10.60
N LYS C 157 11.15 5.91 -10.66
CA LYS C 157 9.76 5.55 -10.88
C LYS C 157 8.92 5.76 -9.62
N ALA C 158 9.53 5.65 -8.45
CA ALA C 158 8.82 5.98 -7.22
C ALA C 158 8.58 7.48 -7.12
N GLY C 159 9.58 8.29 -7.49
CA GLY C 159 9.40 9.73 -7.50
C GLY C 159 8.27 10.17 -8.41
N LEU C 160 8.11 9.47 -9.54
CA LEU C 160 7.01 9.77 -10.46
C LEU C 160 5.65 9.54 -9.80
N ILE C 161 5.54 8.49 -8.98
CA ILE C 161 4.31 8.21 -8.27
C ILE C 161 3.97 9.37 -7.32
N GLY C 162 4.95 9.78 -6.51
CA GLY C 162 4.70 10.88 -5.58
C GLY C 162 4.34 12.18 -6.28
N ALA C 163 5.04 12.50 -7.37
CA ALA C 163 4.69 13.70 -8.13
C ALA C 163 3.26 13.61 -8.68
N THR C 164 2.87 12.43 -9.15
CA THR C 164 1.55 12.24 -9.73
C THR C 164 0.46 12.41 -8.69
N LYS C 165 0.64 11.80 -7.52
CA LYS C 165 -0.35 11.92 -6.47
C LYS C 165 -0.49 13.36 -6.01
N ALA C 166 0.63 14.07 -5.83
CA ALA C 166 0.57 15.46 -5.40
C ALA C 166 -0.12 16.33 -6.44
N LEU C 167 0.18 16.10 -7.72
CA LEU C 167 -0.42 16.90 -8.78
C LEU C 167 -1.91 16.63 -8.89
N ALA C 168 -2.33 15.37 -8.64
CA ALA C 168 -3.74 15.05 -8.61
C ALA C 168 -4.47 15.93 -7.59
N LEU C 169 -3.84 16.17 -6.45
CA LEU C 169 -4.46 16.98 -5.41
C LEU C 169 -4.61 18.43 -5.86
N GLU C 170 -3.61 18.97 -6.58
CA GLU C 170 -3.65 20.37 -7.00
C GLU C 170 -4.66 20.59 -8.12
N LEU C 171 -4.87 19.59 -8.97
CA LEU C 171 -5.70 19.79 -10.15
C LEU C 171 -7.12 19.24 -9.99
N ALA C 172 -7.42 18.55 -8.89
CA ALA C 172 -8.73 17.94 -8.76
C ALA C 172 -9.86 18.96 -8.86
N LYS C 173 -9.64 20.18 -8.36
CA LYS C 173 -10.71 21.17 -8.40
C LYS C 173 -10.96 21.67 -9.82
N ARG C 174 -10.05 21.41 -10.76
CA ARG C 174 -10.23 21.73 -12.18
C ARG C 174 -10.84 20.58 -12.97
N LYS C 175 -11.28 19.50 -12.31
CA LYS C 175 -11.79 18.31 -12.98
C LYS C 175 -10.74 17.69 -13.90
N ILE C 176 -9.46 17.88 -13.58
CA ILE C 176 -8.38 17.18 -14.25
C ILE C 176 -8.01 16.00 -13.37
N THR C 177 -8.14 14.79 -13.89
CA THR C 177 -7.68 13.63 -13.11
C THR C 177 -6.23 13.37 -13.45
N VAL C 178 -5.49 12.89 -12.45
CA VAL C 178 -4.06 12.64 -12.58
C VAL C 178 -3.77 11.27 -11.98
N ASN C 179 -3.31 10.34 -12.79
CA ASN C 179 -3.13 8.97 -12.35
C ASN C 179 -1.82 8.42 -12.90
N CYS C 180 -1.38 7.33 -12.29
CA CYS C 180 -0.17 6.64 -12.69
C CYS C 180 -0.53 5.21 -13.10
N VAL C 181 0.07 4.73 -14.19
CA VAL C 181 -0.03 3.32 -14.57
C VAL C 181 1.35 2.70 -14.39
N ALA C 182 1.40 1.59 -13.66
CA ALA C 182 2.65 0.91 -13.30
C ALA C 182 2.68 -0.45 -13.96
N PRO C 183 3.24 -0.58 -15.17
CA PRO C 183 3.31 -1.90 -15.81
C PRO C 183 4.30 -2.80 -15.08
N GLY C 184 4.06 -4.11 -15.20
CA GLY C 184 5.06 -5.08 -14.82
C GLY C 184 6.00 -5.35 -15.98
N LEU C 185 6.20 -6.62 -16.31
CA LEU C 185 7.11 -7.02 -17.39
C LEU C 185 6.31 -7.10 -18.70
N ILE C 186 6.63 -6.20 -19.64
CA ILE C 186 5.88 -6.05 -20.88
C ILE C 186 6.79 -6.44 -22.04
N GLU C 187 6.26 -7.24 -22.96
CA GLU C 187 7.02 -7.67 -24.14
C GLU C 187 7.17 -6.48 -25.08
N THR C 188 8.35 -5.89 -25.10
CA THR C 188 8.68 -4.81 -26.03
C THR C 188 9.78 -5.28 -26.99
N VAL C 191 12.74 -10.94 -27.58
CA VAL C 191 12.72 -11.65 -26.30
C VAL C 191 13.46 -12.98 -26.39
N THR C 192 14.47 -13.14 -25.54
CA THR C 192 15.29 -14.34 -25.51
C THR C 192 14.54 -15.51 -24.88
N ASP C 193 15.18 -16.68 -24.91
CA ASP C 193 14.62 -17.85 -24.23
C ASP C 193 14.70 -17.70 -22.71
N GLU C 194 15.72 -17.01 -22.20
CA GLU C 194 15.86 -16.86 -20.75
C GLU C 194 14.79 -15.95 -20.18
N VAL C 195 14.53 -14.81 -20.83
CA VAL C 195 13.48 -13.89 -20.36
C VAL C 195 12.13 -14.59 -20.37
N LYS C 196 11.84 -15.35 -21.44
CA LYS C 196 10.56 -16.04 -21.54
C LYS C 196 10.34 -17.02 -20.38
N GLU C 197 11.39 -17.75 -19.99
CA GLU C 197 11.25 -18.72 -18.91
C GLU C 197 11.11 -18.04 -17.55
N HIS C 198 11.80 -16.92 -17.34
CA HIS C 198 11.64 -16.20 -16.08
C HIS C 198 10.23 -15.63 -15.92
N ALA C 199 9.60 -15.22 -17.02
CA ALA C 199 8.20 -14.79 -16.96
C ALA C 199 7.31 -15.94 -16.52
N LEU C 200 7.56 -17.16 -17.05
CA LEU C 200 6.75 -18.33 -16.74
C LEU C 200 6.58 -18.59 -15.24
N LYS C 201 7.56 -18.19 -14.41
CA LYS C 201 7.61 -18.60 -13.00
C LYS C 201 7.35 -17.45 -12.01
N MET C 202 7.82 -16.24 -12.28
CA MET C 202 7.60 -15.08 -11.40
C MET C 202 6.20 -14.48 -11.48
N ILE C 203 5.56 -14.50 -12.65
CA ILE C 203 4.32 -13.77 -12.87
C ILE C 203 3.15 -14.73 -12.71
N PRO C 204 2.13 -14.43 -11.89
CA PRO C 204 0.99 -15.35 -11.78
C PRO C 204 0.32 -15.69 -13.11
N LEU C 205 0.16 -14.72 -14.01
CA LEU C 205 -0.42 -15.04 -15.32
C LEU C 205 0.54 -15.81 -16.22
N GLN C 206 1.80 -15.98 -15.80
CA GLN C 206 2.76 -16.87 -16.45
C GLN C 206 3.20 -16.38 -17.82
N ARG C 207 3.20 -15.07 -18.03
CA ARG C 207 3.60 -14.52 -19.31
C ARG C 207 3.88 -13.03 -19.14
N MET C 208 4.62 -12.47 -20.08
CA MET C 208 4.77 -11.02 -20.12
C MET C 208 3.49 -10.37 -20.66
N GLY C 209 3.29 -9.10 -20.31
CA GLY C 209 2.16 -8.38 -20.85
C GLY C 209 2.41 -7.94 -22.28
N GLN C 210 1.32 -7.73 -23.01
CA GLN C 210 1.42 -7.13 -24.34
C GLN C 210 1.16 -5.63 -24.26
N VAL C 211 1.69 -4.89 -25.25
CA VAL C 211 1.64 -3.43 -25.20
C VAL C 211 0.21 -2.93 -25.10
N ASP C 212 -0.72 -3.60 -25.79
CA ASP C 212 -2.11 -3.14 -25.72
C ASP C 212 -2.75 -3.40 -24.37
N GLU C 213 -2.26 -4.39 -23.62
CA GLU C 213 -2.79 -4.60 -22.28
C GLU C 213 -2.44 -3.44 -21.35
N VAL C 214 -1.32 -2.75 -21.60
CA VAL C 214 -1.00 -1.53 -20.86
C VAL C 214 -1.77 -0.34 -21.43
N ALA C 215 -1.77 -0.21 -22.76
CA ALA C 215 -2.43 0.91 -23.40
C ALA C 215 -3.92 0.95 -23.07
N SER C 216 -4.55 -0.21 -22.90
CA SER C 216 -5.99 -0.21 -22.62
C SER C 216 -6.30 0.43 -21.28
N VAL C 217 -5.40 0.30 -20.30
CA VAL C 217 -5.63 0.90 -19.00
C VAL C 217 -5.44 2.41 -19.08
N VAL C 218 -4.39 2.86 -19.80
CA VAL C 218 -4.23 4.29 -20.05
C VAL C 218 -5.46 4.84 -20.77
N LYS C 219 -5.94 4.12 -21.79
CA LYS C 219 -7.09 4.58 -22.54
C LYS C 219 -8.34 4.68 -21.66
N PHE C 220 -8.55 3.70 -20.78
CA PHE C 220 -9.66 3.81 -19.84
C PHE C 220 -9.53 5.07 -18.98
N LEU C 221 -8.35 5.29 -18.41
CA LEU C 221 -8.17 6.44 -17.53
C LEU C 221 -8.40 7.76 -18.25
N CYS C 222 -8.06 7.83 -19.53
CA CYS C 222 -8.28 9.04 -20.32
C CYS C 222 -9.72 9.22 -20.74
N SER C 223 -10.56 8.20 -20.60
CA SER C 223 -11.94 8.29 -21.04
C SER C 223 -12.78 9.11 -20.05
N ASP C 224 -13.92 9.60 -20.55
CA ASP C 224 -14.84 10.36 -19.71
C ASP C 224 -15.43 9.52 -18.58
N GLU C 225 -15.50 8.20 -18.77
CA GLU C 225 -16.11 7.33 -17.78
C GLU C 225 -15.25 7.19 -16.53
N ALA C 226 -13.94 7.47 -16.63
CA ALA C 226 -13.02 7.35 -15.50
C ALA C 226 -12.94 8.64 -14.68
N SER C 227 -14.01 9.42 -14.64
CA SER C 227 -13.97 10.76 -14.09
C SER C 227 -13.87 10.79 -12.56
N TYR C 228 -14.12 9.69 -11.85
CA TYR C 228 -13.96 9.70 -10.40
C TYR C 228 -12.68 8.99 -9.95
N VAL C 229 -11.81 8.61 -10.88
CA VAL C 229 -10.54 7.98 -10.55
C VAL C 229 -9.47 9.06 -10.61
N THR C 230 -8.86 9.40 -9.48
CA THR C 230 -7.70 10.28 -9.50
C THR C 230 -6.84 9.99 -8.30
N ARG C 231 -5.56 10.36 -8.41
CA ARG C 231 -4.55 10.13 -7.37
C ARG C 231 -4.15 8.66 -7.25
N GLN C 232 -4.43 7.85 -8.26
CA GLN C 232 -4.24 6.41 -8.15
C GLN C 232 -3.00 5.94 -8.91
N VAL C 233 -2.40 4.86 -8.40
CA VAL C 233 -1.40 4.07 -9.14
C VAL C 233 -2.07 2.75 -9.51
N ILE C 234 -2.28 2.50 -10.79
CA ILE C 234 -2.94 1.28 -11.22
C ILE C 234 -1.89 0.36 -11.84
N SER C 235 -1.72 -0.81 -11.26
CA SER C 235 -0.71 -1.77 -11.68
C SER C 235 -1.26 -2.70 -12.74
N VAL C 236 -0.52 -2.87 -13.83
CA VAL C 236 -0.89 -3.77 -14.92
C VAL C 236 0.28 -4.73 -15.04
N ASN C 237 0.26 -5.81 -14.25
CA ASN C 237 1.48 -6.58 -14.06
C ASN C 237 1.23 -8.08 -13.97
N GLY C 238 0.06 -8.56 -14.38
CA GLY C 238 -0.20 -9.99 -14.36
C GLY C 238 -0.27 -10.60 -12.98
N GLY C 239 -0.46 -9.79 -11.94
CA GLY C 239 -0.53 -10.28 -10.59
C GLY C 239 0.77 -10.26 -9.83
N LEU C 240 1.82 -9.64 -10.40
CA LEU C 240 3.15 -9.67 -9.80
C LEU C 240 3.11 -9.15 -8.36
N ILE C 241 2.42 -8.04 -8.13
CA ILE C 241 2.15 -7.52 -6.79
C ILE C 241 0.74 -6.90 -6.77
N THR D 2 0.99 -1.44 38.43
CA THR D 2 1.75 -1.87 37.26
C THR D 2 0.81 -2.19 36.10
N ARG D 3 1.14 -1.67 34.92
CA ARG D 3 0.31 -1.91 33.75
C ARG D 3 0.34 -3.38 33.35
N ARG D 4 -0.83 -3.92 33.05
CA ARG D 4 -1.00 -5.33 32.74
C ARG D 4 -1.42 -5.50 31.28
N ILE D 5 -0.87 -6.51 30.63
CA ILE D 5 -1.14 -6.77 29.21
C ILE D 5 -1.59 -8.21 29.06
N LEU D 6 -2.67 -8.41 28.30
CA LEU D 6 -3.10 -9.76 27.91
C LEU D 6 -2.49 -10.11 26.56
N VAL D 7 -1.91 -11.31 26.46
CA VAL D 7 -1.41 -11.83 25.17
C VAL D 7 -2.17 -13.11 24.86
N THR D 8 -3.03 -13.09 23.85
CA THR D 8 -3.71 -14.33 23.50
C THR D 8 -2.75 -15.29 22.82
N GLY D 9 -2.95 -16.58 23.06
CA GLY D 9 -2.14 -17.58 22.40
C GLY D 9 -0.67 -17.50 22.79
N SER D 10 -0.40 -17.28 24.08
CA SER D 10 0.95 -17.07 24.58
C SER D 10 1.51 -18.28 25.30
N SER D 11 0.93 -19.46 25.09
CA SER D 11 1.50 -20.65 25.69
C SER D 11 2.75 -21.13 24.97
N ARG D 12 2.96 -20.71 23.72
CA ARG D 12 4.08 -21.20 22.91
C ARG D 12 4.23 -20.28 21.71
N GLY D 13 5.29 -20.52 20.93
CA GLY D 13 5.44 -19.85 19.64
C GLY D 13 5.70 -18.36 19.77
N ILE D 14 5.14 -17.59 18.81
CA ILE D 14 5.32 -16.14 18.81
C ILE D 14 4.69 -15.52 20.05
N GLY D 15 3.53 -16.02 20.47
CA GLY D 15 2.84 -15.39 21.61
C GLY D 15 3.60 -15.53 22.92
N LYS D 16 4.26 -16.68 23.11
CA LYS D 16 5.12 -16.84 24.28
C LYS D 16 6.28 -15.84 24.24
N ALA D 17 6.90 -15.68 23.07
CA ALA D 17 8.03 -14.75 22.97
C ALA D 17 7.58 -13.32 23.26
N ILE D 18 6.42 -12.93 22.73
CA ILE D 18 5.85 -11.62 23.06
C ILE D 18 5.67 -11.48 24.56
N ALA D 19 5.05 -12.49 25.19
CA ALA D 19 4.74 -12.39 26.62
C ALA D 19 6.01 -12.23 27.45
N LEU D 20 7.05 -13.01 27.15
CA LEU D 20 8.31 -12.89 27.89
C LEU D 20 8.97 -11.55 27.66
N GLN D 21 8.92 -11.04 26.42
CA GLN D 21 9.55 -9.75 26.15
C GLN D 21 8.81 -8.61 26.85
N LEU D 22 7.48 -8.66 26.92
CA LEU D 22 6.74 -7.62 27.62
C LEU D 22 7.01 -7.66 29.12
N ALA D 23 7.12 -8.86 29.68
CA ALA D 23 7.51 -9.00 31.09
C ALA D 23 8.88 -8.40 31.36
N LYS D 24 9.85 -8.65 30.47
CA LYS D 24 11.18 -8.10 30.65
C LYS D 24 11.19 -6.58 30.54
N ALA D 25 10.24 -6.02 29.76
CA ALA D 25 10.09 -4.57 29.70
C ALA D 25 9.41 -3.99 30.94
N GLY D 26 8.88 -4.83 31.81
CA GLY D 26 8.32 -4.39 33.08
C GLY D 26 6.81 -4.47 33.19
N PHE D 27 6.10 -5.01 32.21
CA PHE D 27 4.67 -5.18 32.32
C PHE D 27 4.34 -6.46 33.11
N ASP D 28 3.26 -6.40 33.89
CA ASP D 28 2.58 -7.64 34.28
C ASP D 28 1.90 -8.21 33.04
N VAL D 29 1.90 -9.54 32.91
CA VAL D 29 1.49 -10.18 31.66
C VAL D 29 0.59 -11.35 31.97
N THR D 30 -0.61 -11.34 31.40
CA THR D 30 -1.53 -12.46 31.56
C THR D 30 -1.44 -13.38 30.36
N VAL D 31 -1.20 -14.67 30.62
CA VAL D 31 -0.95 -15.67 29.59
C VAL D 31 -2.30 -16.28 29.21
N HIS D 32 -2.43 -16.69 27.95
CA HIS D 32 -3.69 -17.28 27.52
C HIS D 32 -3.42 -18.44 26.56
N ALA D 33 -4.29 -19.44 26.62
CA ALA D 33 -4.25 -20.54 25.67
C ALA D 33 -5.64 -21.12 25.51
N ARG D 34 -5.83 -21.90 24.44
CA ARG D 34 -7.11 -22.57 24.24
C ARG D 34 -7.19 -23.88 25.00
N SER D 35 -6.13 -24.69 25.00
CA SER D 35 -6.24 -25.99 25.64
C SER D 35 -4.93 -26.46 26.29
N ARG D 36 -3.79 -25.94 25.83
CA ARG D 36 -2.50 -26.43 26.32
C ARG D 36 -2.17 -25.75 27.66
N GLN D 37 -2.86 -26.25 28.70
CA GLN D 37 -2.78 -25.63 30.02
C GLN D 37 -1.39 -25.77 30.63
N ALA D 38 -0.74 -26.92 30.42
CA ALA D 38 0.57 -27.14 31.04
C ALA D 38 1.62 -26.19 30.49
N GLU D 39 1.61 -25.94 29.17
CA GLU D 39 2.55 -24.98 28.61
C GLU D 39 2.22 -23.55 29.06
N ALA D 40 0.93 -23.21 29.16
CA ALA D 40 0.54 -21.92 29.72
C ALA D 40 1.11 -21.75 31.13
N GLU D 41 0.97 -22.79 31.96
CA GLU D 41 1.49 -22.73 33.33
C GLU D 41 3.00 -22.50 33.34
N GLN D 42 3.72 -23.13 32.40
CA GLN D 42 5.16 -22.92 32.29
C GLN D 42 5.49 -21.45 31.97
N VAL D 43 4.78 -20.83 31.02
CA VAL D 43 5.07 -19.44 30.69
C VAL D 43 4.78 -18.53 31.89
N VAL D 44 3.67 -18.79 32.58
CA VAL D 44 3.34 -18.01 33.79
C VAL D 44 4.51 -18.06 34.77
N GLN D 45 5.05 -19.26 34.99
CA GLN D 45 6.17 -19.40 35.93
C GLN D 45 7.41 -18.64 35.45
N GLU D 46 7.70 -18.69 34.16
CA GLU D 46 8.84 -17.94 33.64
C GLU D 46 8.66 -16.45 33.81
N ILE D 47 7.43 -15.95 33.65
CA ILE D 47 7.17 -14.53 33.82
C ILE D 47 7.29 -14.14 35.28
N GLN D 48 6.71 -14.96 36.17
CA GLN D 48 6.85 -14.70 37.60
C GLN D 48 8.32 -14.72 38.01
N ALA D 49 9.09 -15.67 37.48
CA ALA D 49 10.50 -15.74 37.82
C ALA D 49 11.27 -14.50 37.38
N LEU D 50 10.74 -13.76 36.40
CA LEU D 50 11.35 -12.51 35.96
C LEU D 50 11.01 -11.32 36.84
N GLY D 51 10.11 -11.49 37.80
CA GLY D 51 9.75 -10.43 38.70
C GLY D 51 8.45 -9.70 38.40
N GLN D 52 7.59 -10.28 37.56
CA GLN D 52 6.32 -9.67 37.21
C GLN D 52 5.18 -10.59 37.58
N ASN D 53 4.02 -10.01 37.86
CA ASN D 53 2.85 -10.81 38.15
C ASN D 53 2.32 -11.47 36.88
N SER D 54 1.81 -12.70 37.03
CA SER D 54 1.30 -13.42 35.89
C SER D 54 0.37 -14.52 36.36
N HIS D 55 -0.64 -14.79 35.52
CA HIS D 55 -1.50 -15.96 35.64
C HIS D 55 -2.01 -16.24 34.22
N TYR D 56 -2.67 -17.37 34.04
CA TYR D 56 -3.15 -17.72 32.72
C TYR D 56 -4.68 -17.77 32.71
N LEU D 57 -5.24 -17.55 31.51
CA LEU D 57 -6.65 -17.70 31.24
C LEU D 57 -6.80 -18.70 30.09
N MET D 58 -7.78 -19.60 30.21
CA MET D 58 -8.05 -20.58 29.18
C MET D 58 -9.39 -20.28 28.53
N PHE D 59 -9.39 -20.04 27.22
CA PHE D 59 -10.66 -19.97 26.50
C PHE D 59 -10.41 -20.08 25.01
N ASP D 60 -11.42 -20.58 24.31
CA ASP D 60 -11.49 -20.48 22.85
C ASP D 60 -12.04 -19.10 22.50
N VAL D 61 -11.29 -18.32 21.71
CA VAL D 61 -11.74 -16.96 21.43
C VAL D 61 -13.06 -16.92 20.66
N ASN D 62 -13.50 -18.05 20.10
CA ASN D 62 -14.77 -18.08 19.38
C ASN D 62 -15.99 -18.24 20.28
N GLU D 63 -15.79 -18.60 21.55
CA GLU D 63 -16.91 -18.82 22.48
C GLU D 63 -17.25 -17.48 23.13
N ARG D 64 -18.08 -16.72 22.41
CA ARG D 64 -18.30 -15.31 22.74
C ARG D 64 -18.71 -15.10 24.19
N GLN D 65 -19.73 -15.83 24.66
CA GLN D 65 -20.25 -15.54 26.00
C GLN D 65 -19.30 -16.05 27.09
N THR D 66 -18.63 -17.18 26.85
CA THR D 66 -17.62 -17.65 27.79
C THR D 66 -16.47 -16.65 27.92
N VAL D 67 -15.99 -16.14 26.78
CA VAL D 67 -14.90 -15.18 26.80
C VAL D 67 -15.31 -13.93 27.56
N GLN D 68 -16.54 -13.46 27.34
CA GLN D 68 -16.99 -12.28 28.06
C GLN D 68 -16.99 -12.52 29.58
N GLN D 69 -17.48 -13.69 30.01
CA GLN D 69 -17.55 -13.96 31.44
C GLN D 69 -16.16 -14.07 32.06
N ILE D 70 -15.25 -14.77 31.38
CA ILE D 70 -13.90 -14.94 31.91
C ILE D 70 -13.18 -13.60 32.00
N LEU D 71 -13.31 -12.76 30.97
CA LEU D 71 -12.57 -11.50 30.97
C LEU D 71 -13.18 -10.51 31.96
N GLU D 72 -14.51 -10.51 32.11
CA GLU D 72 -15.12 -9.58 33.06
C GLU D 72 -14.75 -9.94 34.50
N GLN D 73 -14.72 -11.24 34.81
CA GLN D 73 -14.30 -11.67 36.13
C GLN D 73 -12.83 -11.35 36.36
N ASP D 74 -12.00 -11.57 35.33
CA ASP D 74 -10.57 -11.30 35.45
C ASP D 74 -10.31 -9.82 35.70
N VAL D 75 -11.02 -8.95 35.00
CA VAL D 75 -10.87 -7.51 35.19
C VAL D 75 -11.38 -7.10 36.57
N GLU D 76 -12.47 -7.72 37.02
CA GLU D 76 -12.97 -7.42 38.37
C GLU D 76 -11.92 -7.77 39.42
N GLN D 77 -11.25 -8.91 39.24
CA GLN D 77 -10.29 -9.39 40.22
C GLN D 77 -8.93 -8.70 40.11
N HIS D 78 -8.50 -8.32 38.91
CA HIS D 78 -7.14 -7.85 38.72
C HIS D 78 -7.02 -6.47 38.09
N GLY D 79 -8.12 -5.81 37.75
CA GLY D 79 -8.08 -4.50 37.15
C GLY D 79 -8.09 -4.58 35.63
N GLY D 80 -8.30 -3.41 35.00
CA GLY D 80 -8.33 -3.35 33.55
C GLY D 80 -6.97 -3.64 32.95
N PHE D 81 -7.00 -4.15 31.71
CA PHE D 81 -5.78 -4.34 30.92
C PHE D 81 -5.36 -3.03 30.28
N TYR D 82 -4.09 -2.68 30.46
CA TYR D 82 -3.50 -1.56 29.74
C TYR D 82 -3.24 -1.92 28.28
N GLY D 83 -2.93 -3.18 28.01
CA GLY D 83 -2.62 -3.61 26.66
C GLY D 83 -3.27 -4.93 26.36
N VAL D 84 -3.60 -5.13 25.08
CA VAL D 84 -4.07 -6.41 24.59
C VAL D 84 -3.33 -6.70 23.30
N VAL D 85 -2.70 -7.87 23.23
CA VAL D 85 -2.04 -8.35 22.02
C VAL D 85 -2.83 -9.55 21.53
N LEU D 86 -3.45 -9.40 20.35
CA LEU D 86 -4.27 -10.46 19.75
C LEU D 86 -3.35 -11.28 18.86
N ASN D 87 -2.76 -12.32 19.44
CA ASN D 87 -1.80 -13.15 18.74
C ASN D 87 -2.37 -14.49 18.30
N ALA D 88 -3.28 -15.08 19.07
CA ALA D 88 -3.83 -16.38 18.72
C ALA D 88 -4.45 -16.36 17.32
N GLY D 89 -4.08 -17.34 16.49
CA GLY D 89 -4.57 -17.46 15.14
C GLY D 89 -4.67 -18.90 14.71
N LEU D 90 -5.12 -19.12 13.48
CA LEU D 90 -5.37 -20.47 12.98
C LEU D 90 -5.29 -20.50 11.46
N THR D 91 -4.64 -21.52 10.91
CA THR D 91 -4.70 -21.79 9.47
C THR D 91 -5.45 -23.09 9.21
N HIS D 92 -5.97 -23.20 7.98
CA HIS D 92 -6.55 -24.44 7.45
C HIS D 92 -6.30 -24.35 5.94
N ASP D 93 -5.06 -24.63 5.53
CA ASP D 93 -4.67 -24.35 4.16
C ASP D 93 -5.32 -25.33 3.18
N GLY D 94 -5.50 -24.88 1.94
CA GLY D 94 -6.03 -25.72 0.89
C GLY D 94 -6.48 -24.86 -0.29
N ALA D 95 -6.42 -25.39 -1.51
CA ALA D 95 -6.96 -24.66 -2.64
C ALA D 95 -8.42 -24.29 -2.39
N PHE D 96 -8.83 -23.14 -2.91
CA PHE D 96 -10.17 -22.64 -2.64
C PHE D 96 -11.29 -23.63 -2.98
N PRO D 97 -11.28 -24.33 -4.12
CA PRO D 97 -12.33 -25.36 -4.35
C PRO D 97 -12.27 -26.50 -3.34
N ALA D 98 -11.13 -26.75 -2.71
CA ALA D 98 -10.96 -27.87 -1.80
C ALA D 98 -11.32 -27.54 -0.37
N LEU D 99 -11.42 -26.25 -0.01
CA LEU D 99 -11.70 -25.89 1.37
C LEU D 99 -13.07 -26.39 1.80
N THR D 100 -13.14 -26.92 3.01
CA THR D 100 -14.41 -27.30 3.63
C THR D 100 -15.03 -26.09 4.34
N ASP D 101 -16.30 -26.24 4.71
CA ASP D 101 -16.95 -25.21 5.53
C ASP D 101 -16.15 -24.97 6.81
N GLN D 102 -15.69 -26.03 7.47
CA GLN D 102 -14.90 -25.86 8.68
C GLN D 102 -13.58 -25.15 8.38
N ASP D 103 -12.93 -25.50 7.27
CA ASP D 103 -11.67 -24.83 6.89
C ASP D 103 -11.88 -23.32 6.80
N TRP D 104 -12.97 -22.91 6.15
CA TRP D 104 -13.26 -21.48 5.98
C TRP D 104 -13.69 -20.85 7.29
N ASP D 105 -14.76 -21.38 7.90
CA ASP D 105 -15.39 -20.72 9.04
C ASP D 105 -14.44 -20.60 10.23
N GLU D 106 -13.68 -21.66 10.53
CA GLU D 106 -12.82 -21.62 11.71
C GLU D 106 -11.69 -20.61 11.54
N VAL D 107 -11.19 -20.44 10.31
CA VAL D 107 -10.10 -19.49 10.11
C VAL D 107 -10.61 -18.05 10.20
N ILE D 108 -11.72 -17.76 9.50
CA ILE D 108 -12.28 -16.40 9.56
C ILE D 108 -12.66 -16.04 10.99
N SER D 109 -13.37 -16.94 11.68
CA SER D 109 -13.92 -16.56 12.98
C SER D 109 -12.83 -16.38 14.02
N THR D 110 -11.81 -17.26 14.02
CA THR D 110 -10.78 -17.16 15.05
C THR D 110 -10.11 -15.78 15.03
N SER D 111 -9.95 -15.20 13.84
CA SER D 111 -9.39 -13.85 13.73
C SER D 111 -10.44 -12.78 14.00
N LEU D 112 -11.58 -12.85 13.33
CA LEU D 112 -12.52 -11.73 13.38
C LEU D 112 -13.50 -11.82 14.55
N ASP D 113 -14.08 -13.01 14.81
CA ASP D 113 -14.84 -13.18 16.05
C ASP D 113 -13.94 -12.97 17.26
N GLY D 114 -12.71 -13.47 17.18
CA GLY D 114 -11.77 -13.30 18.27
C GLY D 114 -11.48 -11.84 18.57
N PHE D 115 -11.32 -11.03 17.53
CA PHE D 115 -11.10 -9.59 17.73
C PHE D 115 -12.26 -8.98 18.51
N TYR D 116 -13.48 -9.29 18.09
CA TYR D 116 -14.67 -8.75 18.74
C TYR D 116 -14.84 -9.32 20.14
N ASN D 117 -14.78 -10.65 20.28
CA ASN D 117 -15.07 -11.32 21.55
C ASN D 117 -14.09 -10.93 22.66
N VAL D 118 -12.83 -10.69 22.31
CA VAL D 118 -11.85 -10.33 23.32
C VAL D 118 -11.84 -8.83 23.59
N LEU D 119 -11.95 -8.00 22.56
CA LEU D 119 -11.81 -6.57 22.80
C LEU D 119 -13.07 -5.94 23.36
N LYS D 120 -14.26 -6.44 22.97
CA LYS D 120 -15.49 -5.79 23.43
C LYS D 120 -15.57 -5.70 24.95
N PRO D 121 -15.34 -6.77 25.73
CA PRO D 121 -15.34 -6.62 27.20
C PRO D 121 -14.19 -5.80 27.75
N LEU D 122 -13.14 -5.51 26.97
CA LEU D 122 -11.93 -4.92 27.52
C LEU D 122 -11.75 -3.45 27.18
N ILE D 123 -12.51 -2.90 26.24
CA ILE D 123 -12.30 -1.50 25.87
C ILE D 123 -12.57 -0.57 27.03
N MET D 124 -13.73 -0.75 27.70
CA MET D 124 -14.04 0.23 28.74
C MET D 124 -13.08 0.07 29.92
N PRO D 125 -12.77 -1.16 30.36
CA PRO D 125 -11.76 -1.28 31.42
C PRO D 125 -10.42 -0.65 31.06
N MET D 126 -10.03 -0.67 29.78
CA MET D 126 -8.79 0.01 29.40
C MET D 126 -8.93 1.52 29.49
N ILE D 127 -10.02 2.06 28.95
CA ILE D 127 -10.23 3.51 29.00
C ILE D 127 -10.30 3.99 30.44
N HIS D 128 -10.91 3.22 31.31
CA HIS D 128 -11.09 3.61 32.71
C HIS D 128 -9.76 3.72 33.46
N LEU D 129 -8.68 3.17 32.92
CA LEU D 129 -7.38 3.36 33.56
C LEU D 129 -6.90 4.80 33.47
N ARG D 130 -7.43 5.57 32.51
CA ARG D 130 -7.05 6.97 32.30
C ARG D 130 -5.54 7.14 32.11
N LYS D 131 -4.92 6.22 31.34
CA LYS D 131 -3.49 6.38 31.08
C LYS D 131 -3.13 5.91 29.67
N GLY D 132 -4.07 5.99 28.74
CA GLY D 132 -3.80 5.50 27.39
C GLY D 132 -3.88 3.98 27.36
N GLY D 133 -3.24 3.41 26.34
CA GLY D 133 -3.32 1.96 26.20
C GLY D 133 -2.61 1.52 24.94
N ARG D 134 -2.61 0.20 24.73
CA ARG D 134 -1.91 -0.41 23.61
C ARG D 134 -2.71 -1.61 23.13
N ILE D 135 -3.03 -1.66 21.84
CA ILE D 135 -3.64 -2.83 21.23
C ILE D 135 -2.79 -3.19 20.02
N VAL D 136 -2.37 -4.44 19.94
CA VAL D 136 -1.57 -4.91 18.81
C VAL D 136 -2.20 -6.20 18.30
N THR D 137 -2.44 -6.26 16.99
CA THR D 137 -2.97 -7.46 16.37
C THR D 137 -1.88 -8.09 15.53
N LEU D 138 -1.93 -9.41 15.38
CA LEU D 138 -0.95 -10.13 14.57
C LEU D 138 -1.63 -10.54 13.27
N SER D 139 -1.22 -9.90 12.18
CA SER D 139 -1.72 -10.29 10.87
C SER D 139 -0.69 -11.19 10.22
N SER D 140 -0.40 -10.94 8.94
CA SER D 140 0.51 -11.79 8.19
C SER D 140 0.74 -11.14 6.85
N VAL D 141 1.87 -11.48 6.22
CA VAL D 141 2.11 -11.07 4.86
C VAL D 141 0.96 -11.50 3.96
N SER D 142 0.34 -12.65 4.26
CA SER D 142 -0.80 -13.13 3.48
C SER D 142 -1.98 -12.17 3.55
N GLY D 143 -2.19 -11.51 4.68
CA GLY D 143 -3.27 -10.54 4.80
C GLY D 143 -3.01 -9.26 4.04
N ILE D 144 -1.77 -9.01 3.63
CA ILE D 144 -1.44 -7.85 2.81
C ILE D 144 -1.49 -8.17 1.32
N MET D 145 -0.94 -9.32 0.91
CA MET D 145 -0.78 -9.60 -0.51
C MET D 145 -1.55 -10.81 -1.02
N GLY D 146 -2.13 -11.62 -0.13
CA GLY D 146 -2.70 -12.89 -0.50
C GLY D 146 -1.65 -13.98 -0.67
N ASN D 147 -2.10 -15.23 -0.63
CA ASN D 147 -1.22 -16.39 -0.78
C ASN D 147 -2.01 -17.58 -1.30
N ARG D 148 -1.44 -18.29 -2.29
CA ARG D 148 -2.05 -19.51 -2.79
C ARG D 148 -2.34 -20.50 -1.68
N GLY D 149 -3.48 -21.17 -1.77
CA GLY D 149 -3.88 -22.13 -0.75
C GLY D 149 -4.33 -21.50 0.55
N GLN D 150 -4.45 -20.17 0.59
CA GLN D 150 -4.77 -19.48 1.83
C GLN D 150 -5.79 -18.37 1.59
N VAL D 151 -6.80 -18.64 0.76
CA VAL D 151 -7.83 -17.62 0.57
C VAL D 151 -8.51 -17.32 1.89
N ASN D 152 -8.74 -18.35 2.70
CA ASN D 152 -9.37 -18.15 4.01
C ASN D 152 -8.46 -17.37 4.96
N TYR D 153 -7.20 -17.78 5.09
CA TYR D 153 -6.30 -17.10 6.01
C TYR D 153 -6.00 -15.68 5.53
N SER D 154 -5.84 -15.49 4.22
CA SER D 154 -5.61 -14.15 3.69
C SER D 154 -6.78 -13.22 4.02
N ALA D 155 -8.02 -13.70 3.84
CA ALA D 155 -9.18 -12.89 4.20
C ALA D 155 -9.20 -12.60 5.70
N ALA D 156 -8.90 -13.61 6.50
CA ALA D 156 -8.95 -13.43 7.95
C ALA D 156 -7.92 -12.40 8.42
N LYS D 157 -6.70 -12.49 7.91
CA LYS D 157 -5.64 -11.59 8.34
C LYS D 157 -5.78 -10.21 7.71
N ALA D 158 -6.31 -10.12 6.49
CA ALA D 158 -6.66 -8.82 5.93
C ALA D 158 -7.76 -8.15 6.73
N GLY D 159 -8.80 -8.90 7.10
CA GLY D 159 -9.88 -8.32 7.87
C GLY D 159 -9.42 -7.77 9.20
N LEU D 160 -8.41 -8.41 9.79
CA LEU D 160 -7.80 -7.93 11.02
C LEU D 160 -7.15 -6.57 10.82
N ILE D 161 -6.54 -6.36 9.65
CA ILE D 161 -5.92 -5.07 9.35
C ILE D 161 -6.97 -3.98 9.30
N GLY D 162 -8.08 -4.24 8.60
CA GLY D 162 -9.14 -3.25 8.51
C GLY D 162 -9.73 -2.92 9.87
N ALA D 163 -9.99 -3.95 10.68
CA ALA D 163 -10.51 -3.72 12.02
C ALA D 163 -9.53 -2.93 12.88
N THR D 164 -8.23 -3.25 12.77
CA THR D 164 -7.20 -2.56 13.54
C THR D 164 -7.14 -1.08 13.18
N LYS D 165 -7.17 -0.77 11.88
CA LYS D 165 -7.06 0.61 11.46
C LYS D 165 -8.28 1.41 11.90
N ALA D 166 -9.47 0.81 11.79
CA ALA D 166 -10.69 1.53 12.19
C ALA D 166 -10.70 1.76 13.69
N LEU D 167 -10.31 0.75 14.48
CA LEU D 167 -10.31 0.93 15.92
C LEU D 167 -9.26 1.97 16.35
N ALA D 168 -8.13 2.03 15.64
CA ALA D 168 -7.14 3.07 15.90
C ALA D 168 -7.77 4.44 15.82
N LEU D 169 -8.62 4.67 14.81
CA LEU D 169 -9.26 5.97 14.66
C LEU D 169 -10.18 6.26 15.84
N GLU D 170 -10.91 5.25 16.32
CA GLU D 170 -11.88 5.47 17.37
C GLU D 170 -11.22 5.73 18.72
N LEU D 171 -10.06 5.13 18.97
CA LEU D 171 -9.46 5.18 20.29
C LEU D 171 -8.31 6.16 20.40
N ALA D 172 -7.93 6.80 19.29
CA ALA D 172 -6.82 7.74 19.30
C ALA D 172 -7.03 8.86 20.31
N LYS D 173 -8.25 9.41 20.43
CA LYS D 173 -8.43 10.53 21.35
C LYS D 173 -8.24 10.11 22.80
N ARG D 174 -8.27 8.82 23.10
CA ARG D 174 -8.02 8.35 24.46
C ARG D 174 -6.56 7.93 24.68
N LYS D 175 -5.67 8.22 23.72
CA LYS D 175 -4.24 7.89 23.79
C LYS D 175 -3.99 6.39 23.82
N ILE D 176 -4.89 5.62 23.23
CA ILE D 176 -4.70 4.19 23.04
C ILE D 176 -4.26 4.00 21.60
N THR D 177 -3.04 3.52 21.38
CA THR D 177 -2.61 3.24 20.01
C THR D 177 -3.04 1.83 19.62
N VAL D 178 -3.34 1.66 18.34
CA VAL D 178 -3.84 0.39 17.82
C VAL D 178 -3.07 0.11 16.54
N ASN D 179 -2.28 -0.97 16.55
CA ASN D 179 -1.38 -1.28 15.45
C ASN D 179 -1.41 -2.77 15.16
N CYS D 180 -0.91 -3.10 13.97
CA CYS D 180 -0.86 -4.48 13.50
C CYS D 180 0.60 -4.85 13.23
N VAL D 181 0.98 -6.07 13.55
CA VAL D 181 2.28 -6.61 13.17
C VAL D 181 2.04 -7.75 12.20
N ALA D 182 2.68 -7.69 11.02
CA ALA D 182 2.43 -8.67 9.96
C ALA D 182 3.71 -9.48 9.71
N PRO D 183 3.90 -10.61 10.38
CA PRO D 183 5.12 -11.40 10.15
C PRO D 183 5.10 -12.05 8.77
N GLY D 184 6.31 -12.35 8.30
CA GLY D 184 6.49 -13.19 7.13
C GLY D 184 6.58 -14.64 7.57
N LEU D 185 7.60 -15.36 7.12
CA LEU D 185 7.78 -16.76 7.47
C LEU D 185 8.68 -16.85 8.70
N ILE D 186 8.13 -17.36 9.79
CA ILE D 186 8.79 -17.41 11.09
C ILE D 186 9.03 -18.86 11.45
N GLU D 187 10.25 -19.16 11.94
CA GLU D 187 10.59 -20.49 12.42
C GLU D 187 9.98 -20.67 13.80
N THR D 188 8.97 -21.54 13.91
CA THR D 188 8.41 -21.89 15.21
C THR D 188 8.83 -23.27 15.68
N GLU D 189 9.21 -24.17 14.77
CA GLU D 189 10.04 -25.32 15.10
C GLU D 189 10.66 -25.82 13.80
N MET D 190 10.92 -27.13 13.70
CA MET D 190 11.64 -27.65 12.53
C MET D 190 12.95 -26.84 12.44
N ASP D 193 14.03 -29.87 5.39
CA ASP D 193 15.14 -29.42 4.57
C ASP D 193 14.60 -28.60 3.41
N GLU D 194 13.38 -28.95 2.99
CA GLU D 194 12.74 -28.25 1.89
C GLU D 194 12.34 -26.83 2.27
N VAL D 195 11.86 -26.63 3.50
CA VAL D 195 11.39 -25.30 3.91
C VAL D 195 12.57 -24.36 4.16
N LYS D 196 13.72 -24.91 4.52
CA LYS D 196 14.91 -24.08 4.67
C LYS D 196 15.48 -23.65 3.33
N GLU D 197 15.41 -24.52 2.31
CA GLU D 197 15.79 -24.11 0.96
C GLU D 197 14.76 -23.16 0.36
N HIS D 198 13.49 -23.31 0.71
CA HIS D 198 12.49 -22.35 0.25
C HIS D 198 12.73 -20.96 0.82
N ALA D 199 13.21 -20.88 2.06
CA ALA D 199 13.52 -19.58 2.65
C ALA D 199 14.74 -18.96 1.99
N LEU D 200 15.74 -19.78 1.65
CA LEU D 200 16.94 -19.23 1.02
C LEU D 200 16.61 -18.57 -0.32
N LYS D 201 15.71 -19.17 -1.10
CA LYS D 201 15.42 -18.62 -2.42
C LYS D 201 14.48 -17.42 -2.34
N MET D 202 13.40 -17.50 -1.57
CA MET D 202 12.31 -16.52 -1.66
C MET D 202 12.49 -15.27 -0.81
N ILE D 203 13.16 -15.33 0.33
CA ILE D 203 13.21 -14.22 1.29
C ILE D 203 14.52 -13.46 1.08
N PRO D 204 14.48 -12.14 0.89
CA PRO D 204 15.76 -11.40 0.71
C PRO D 204 16.78 -11.68 1.80
N LEU D 205 16.38 -11.76 3.07
CA LEU D 205 17.37 -12.06 4.11
C LEU D 205 17.81 -13.53 4.11
N GLN D 206 17.20 -14.38 3.28
CA GLN D 206 17.66 -15.75 3.01
C GLN D 206 17.44 -16.70 4.18
N ARG D 207 16.52 -16.38 5.08
CA ARG D 207 16.26 -17.22 6.23
C ARG D 207 14.89 -16.89 6.78
N MET D 208 14.33 -17.85 7.50
CA MET D 208 13.11 -17.59 8.25
C MET D 208 13.41 -16.63 9.40
N GLY D 209 12.37 -15.94 9.86
CA GLY D 209 12.53 -15.14 11.06
C GLY D 209 12.45 -15.98 12.32
N GLN D 210 12.97 -15.43 13.41
CA GLN D 210 12.88 -16.07 14.72
C GLN D 210 11.76 -15.42 15.52
N VAL D 211 11.19 -16.16 16.49
CA VAL D 211 10.04 -15.65 17.22
C VAL D 211 10.38 -14.31 17.89
N ASP D 212 11.62 -14.15 18.36
CA ASP D 212 11.97 -12.91 19.05
C ASP D 212 12.09 -11.73 18.10
N GLU D 213 12.29 -11.98 16.81
CA GLU D 213 12.33 -10.87 15.86
C GLU D 213 10.93 -10.31 15.61
N VAL D 214 9.90 -11.14 15.79
CA VAL D 214 8.53 -10.63 15.77
C VAL D 214 8.16 -10.03 17.12
N ALA D 215 8.53 -10.70 18.21
CA ALA D 215 8.19 -10.23 19.55
C ALA D 215 8.76 -8.86 19.83
N SER D 216 9.95 -8.56 19.29
CA SER D 216 10.59 -7.27 19.55
C SER D 216 9.81 -6.12 18.93
N VAL D 217 9.19 -6.32 17.77
CA VAL D 217 8.42 -5.25 17.17
C VAL D 217 7.16 -4.99 17.98
N VAL D 218 6.48 -6.06 18.41
CA VAL D 218 5.31 -5.93 19.28
C VAL D 218 5.70 -5.24 20.57
N LYS D 219 6.83 -5.64 21.16
CA LYS D 219 7.31 -5.01 22.39
C LYS D 219 7.56 -3.52 22.19
N PHE D 220 8.19 -3.16 21.05
CA PHE D 220 8.41 -1.74 20.78
C PHE D 220 7.08 -0.99 20.70
N LEU D 221 6.09 -1.55 20.01
CA LEU D 221 4.82 -0.84 19.87
C LEU D 221 4.12 -0.68 21.21
N CYS D 222 4.26 -1.65 22.11
CA CYS D 222 3.66 -1.52 23.43
C CYS D 222 4.42 -0.57 24.35
N SER D 223 5.60 -0.12 23.97
CA SER D 223 6.39 0.74 24.83
C SER D 223 5.88 2.18 24.79
N ASP D 224 6.22 2.94 25.84
CA ASP D 224 5.85 4.36 25.87
C ASP D 224 6.49 5.15 24.74
N GLU D 225 7.59 4.66 24.20
CA GLU D 225 8.32 5.36 23.13
CA GLU D 225 8.28 5.42 23.17
C GLU D 225 7.53 5.38 21.83
N ALA D 226 6.71 4.36 21.58
CA ALA D 226 5.93 4.28 20.35
C ALA D 226 4.60 5.04 20.42
N SER D 227 4.53 6.16 21.16
CA SER D 227 3.27 6.85 21.42
C SER D 227 2.69 7.60 20.21
N TYR D 228 3.47 7.83 19.15
CA TYR D 228 2.94 8.51 17.96
C TYR D 228 2.71 7.54 16.81
N VAL D 229 2.83 6.24 17.06
CA VAL D 229 2.59 5.23 16.03
C VAL D 229 1.22 4.64 16.29
N THR D 230 0.28 4.86 15.37
CA THR D 230 -1.01 4.21 15.46
C THR D 230 -1.58 4.10 14.05
N ARG D 231 -2.51 3.14 13.88
CA ARG D 231 -3.15 2.83 12.61
C ARG D 231 -2.21 2.17 11.62
N GLN D 232 -1.10 1.58 12.08
CA GLN D 232 -0.04 1.11 11.19
C GLN D 232 -0.03 -0.41 11.11
N VAL D 233 0.39 -0.92 9.94
CA VAL D 233 0.71 -2.32 9.74
C VAL D 233 2.21 -2.40 9.58
N ILE D 234 2.91 -2.96 10.56
CA ILE D 234 4.36 -3.10 10.51
C ILE D 234 4.69 -4.52 10.07
N SER D 235 5.33 -4.65 8.90
CA SER D 235 5.70 -5.95 8.36
C SER D 235 7.08 -6.35 8.85
N VAL D 236 7.19 -7.56 9.38
CA VAL D 236 8.46 -8.11 9.87
C VAL D 236 8.68 -9.40 9.11
N ASN D 237 9.26 -9.28 7.92
CA ASN D 237 9.18 -10.37 6.95
C ASN D 237 10.48 -10.59 6.18
N GLY D 238 11.60 -10.04 6.64
CA GLY D 238 12.87 -10.27 5.98
C GLY D 238 12.97 -9.69 4.59
N GLY D 239 12.07 -8.75 4.24
CA GLY D 239 12.08 -8.11 2.94
C GLY D 239 11.16 -8.75 1.93
N LEU D 240 10.35 -9.73 2.34
CA LEU D 240 9.47 -10.43 1.41
C LEU D 240 8.60 -9.45 0.63
N ILE D 241 8.10 -8.41 1.29
CA ILE D 241 7.35 -7.35 0.63
C ILE D 241 7.48 -6.08 1.46
#